data_5MCB
#
_entry.id   5MCB
#
_cell.length_a   128.950
_cell.length_b   128.950
_cell.length_c   116.720
_cell.angle_alpha   90.00
_cell.angle_beta   90.00
_cell.angle_gamma   90.00
#
_symmetry.space_group_name_H-M   'P 43 21 2'
#
loop_
_entity.id
_entity.type
_entity.pdbx_description
1 polymer 'Glycogen phosphorylase, muscle form'
2 non-polymer "PYRIDOXAL-5'-PHOSPHATE"
3 non-polymer 'Chlorogenic acid'
4 water water
#
_entity_poly.entity_id   1
_entity_poly.type   'polypeptide(L)'
_entity_poly.pdbx_seq_one_letter_code
;QISVRGLAGVENVTELKKNFNRHLHFTLVKDRNVATPRDYYFALAHTVRDHLVGRWIRTQQHYYEKDPKRIYYLSLEFYM
GRTLQNTMVNLALENACDEATYQLGLDMEELEEIEEDAGLGNGGLGRLAACFLDSMATLGLAAYGYGIRYEFGIFNQKIC
GGWQMEEADDWLRYGNPWEKARPEFTLPVHFYGRVEHTSQGAKWVDTQVVLAMPYDTPVPGYRNNVVNTMRLWSAKAPND
FNLKDFNVGGYIQAVLDRNLAENISRVLYPNDNFFEGKELRLKQEYFVVAATLQDIIRRFKSSKFGCRDPVRTNFDAFPD
KVAIQLNDTHPSLAIPELMRVLVDLERLDWDKAWEVTVKTCAYTNHTVLPEALERWPVHLLETLLPRHLQIIYEINQRFL
NRVAAAFPGDVDRLRRMSLVEEGAVKRINMAHLCIAGSHAVNGVARIHSEILKKTIFKDFYELEPHKFQNKTNGITPRRW
LVLCNPGLAEIIAERIGEEYISDLDQLRKLLSYVDDEAFIRDVAKVKQENKLKFAAYLEREYKVHINPNSLFDVQVKRIH
EYKRQLLNCLHVITLYNRIKKEPNKFVVPRTVMIGGKAAPGYHMAKMIIKLITAIGDVVNHDPVVGDRLRVIFLENYRVS
LAEKVIPAADLSEQISTAGTEASGTGNMKFMLNGALTIGTMDGANVEMAEEAGEENFFIFGMRVEDVDRLDQRGYNAQEY
YDRIPELRQIIEQLSSGFFSPKQPDLFKDIVNMLMHHDRFKVFADYEEYVKCQERVSALYKNPREWTRMVIRNIATSGKF
SSDRTIAQYAREIWGVEPSRQRLPA
;
_entity_poly.pdbx_strand_id   A
#
loop_
_chem_comp.id
_chem_comp.type
_chem_comp.name
_chem_comp.formula
CGG non-polymer 'Chlorogenic acid' 'C16 H18 O9'
PLP non-polymer PYRIDOXAL-5'-PHOSPHATE 'C8 H10 N O6 P'
#
# COMPACT_ATOMS: atom_id res chain seq x y z
N GLN A 1 5.14 6.18 -30.70
CA GLN A 1 3.78 6.11 -31.35
C GLN A 1 2.70 7.06 -30.78
N ILE A 2 2.70 7.30 -29.46
CA ILE A 2 1.78 8.25 -28.81
C ILE A 2 2.57 9.34 -28.06
N SER A 3 2.05 10.57 -28.09
CA SER A 3 2.80 11.76 -27.65
C SER A 3 3.26 11.74 -26.18
N VAL A 4 2.40 11.25 -25.28
CA VAL A 4 2.74 11.19 -23.82
C VAL A 4 3.97 10.32 -23.48
N ARG A 5 4.35 9.42 -24.38
CA ARG A 5 5.57 8.60 -24.24
C ARG A 5 6.92 9.23 -24.68
N GLY A 6 6.89 10.45 -25.20
CA GLY A 6 8.12 11.22 -25.46
C GLY A 6 8.61 11.13 -26.88
N LEU A 7 9.77 11.74 -27.16
CA LEU A 7 10.36 11.75 -28.51
C LEU A 7 11.23 10.52 -28.72
N ALA A 8 11.22 10.02 -29.95
CA ALA A 8 12.18 9.01 -30.39
C ALA A 8 13.13 9.63 -31.44
N GLY A 9 14.00 10.53 -30.97
CA GLY A 9 14.99 11.17 -31.83
C GLY A 9 16.06 10.23 -32.37
N VAL A 10 16.57 10.58 -33.55
CA VAL A 10 17.56 9.76 -34.25
C VAL A 10 18.84 9.49 -33.43
N GLU A 11 19.43 10.55 -32.84
CA GLU A 11 20.63 10.37 -32.00
C GLU A 11 20.33 9.47 -30.79
N ASN A 12 19.21 9.73 -30.11
CA ASN A 12 18.83 8.94 -28.94
C ASN A 12 18.64 7.45 -29.23
N VAL A 13 17.88 7.11 -30.27
CA VAL A 13 17.63 5.70 -30.62
C VAL A 13 18.94 4.96 -30.96
N THR A 14 19.77 5.60 -31.77
CA THR A 14 21.08 5.06 -32.15
C THR A 14 21.94 4.76 -30.90
N GLU A 15 22.01 5.73 -29.99
CA GLU A 15 22.79 5.58 -28.77
C GLU A 15 22.22 4.46 -27.86
N LEU A 16 20.92 4.43 -27.65
CA LEU A 16 20.28 3.36 -26.89
C LEU A 16 20.61 1.96 -27.45
N LYS A 17 20.52 1.82 -28.78
CA LYS A 17 20.89 0.56 -29.46
C LYS A 17 22.33 0.13 -29.21
N LYS A 18 23.27 1.06 -29.32
CA LYS A 18 24.66 0.72 -29.10
C LYS A 18 24.95 0.36 -27.62
N ASN A 19 24.35 1.07 -26.67
CA ASN A 19 24.49 0.76 -25.24
C ASN A 19 23.82 -0.56 -24.84
N PHE A 20 22.68 -0.87 -25.46
CA PHE A 20 22.05 -2.18 -25.30
C PHE A 20 23.00 -3.31 -25.71
N ASN A 21 23.57 -3.21 -26.90
CA ASN A 21 24.54 -4.19 -27.38
C ASN A 21 25.81 -4.30 -26.54
N ARG A 22 26.29 -3.17 -26.03
CA ARG A 22 27.42 -3.13 -25.12
C ARG A 22 27.15 -3.91 -23.80
N HIS A 23 25.99 -3.68 -23.19
CA HIS A 23 25.60 -4.40 -21.99
C HIS A 23 25.40 -5.91 -22.26
N LEU A 24 24.82 -6.26 -23.41
CA LEU A 24 24.60 -7.67 -23.75
C LEU A 24 25.93 -8.42 -23.83
N HIS A 25 26.92 -7.81 -24.51
CA HIS A 25 28.24 -8.35 -24.66
C HIS A 25 29.08 -8.28 -23.37
N PHE A 26 29.19 -7.11 -22.74
CA PHE A 26 30.16 -6.94 -21.62
C PHE A 26 29.56 -7.21 -20.25
N THR A 27 28.31 -6.84 -20.04
CA THR A 27 27.71 -7.03 -18.75
C THR A 27 27.16 -8.45 -18.62
N LEU A 28 26.44 -8.93 -19.62
CA LEU A 28 25.82 -10.23 -19.57
C LEU A 28 26.66 -11.35 -20.14
N VAL A 29 27.70 -11.03 -20.91
CA VAL A 29 28.61 -12.01 -21.50
C VAL A 29 27.86 -12.98 -22.40
N LYS A 30 27.05 -12.44 -23.30
CA LYS A 30 26.36 -13.25 -24.31
C LYS A 30 26.48 -12.63 -25.68
N ASP A 31 26.28 -13.43 -26.72
CA ASP A 31 26.07 -12.94 -28.09
C ASP A 31 24.61 -13.23 -28.44
N ARG A 32 24.14 -12.67 -29.55
CA ARG A 32 22.72 -12.77 -29.98
C ARG A 32 22.25 -14.22 -30.18
N ASN A 33 23.16 -15.14 -30.50
CA ASN A 33 22.80 -16.55 -30.75
C ASN A 33 22.43 -17.38 -29.52
N VAL A 34 22.89 -16.98 -28.35
CA VAL A 34 22.60 -17.71 -27.11
C VAL A 34 21.88 -16.87 -26.07
N ALA A 35 21.37 -15.69 -26.47
CA ALA A 35 20.71 -14.79 -25.55
C ALA A 35 19.27 -15.20 -25.39
N THR A 36 18.86 -15.29 -24.13
CA THR A 36 17.51 -15.67 -23.70
C THR A 36 16.66 -14.40 -23.53
N PRO A 37 15.33 -14.52 -23.57
CA PRO A 37 14.56 -13.28 -23.32
C PRO A 37 14.90 -12.55 -22.01
N ARG A 38 15.31 -13.26 -20.98
CA ARG A 38 15.76 -12.66 -19.73
C ARG A 38 17.04 -11.81 -19.91
N ASP A 39 17.95 -12.28 -20.75
CA ASP A 39 19.16 -11.51 -21.06
C ASP A 39 18.83 -10.15 -21.70
N TYR A 40 17.83 -10.14 -22.58
CA TYR A 40 17.42 -8.93 -23.27
C TYR A 40 16.79 -7.93 -22.32
N TYR A 41 15.98 -8.41 -21.39
CA TYR A 41 15.46 -7.59 -20.33
C TYR A 41 16.60 -6.93 -19.51
N PHE A 42 17.58 -7.73 -19.06
CA PHE A 42 18.67 -7.19 -18.28
C PHE A 42 19.53 -6.18 -19.06
N ALA A 43 19.75 -6.43 -20.34
CA ALA A 43 20.47 -5.50 -21.19
C ALA A 43 19.74 -4.17 -21.26
N LEU A 44 18.42 -4.22 -21.42
CA LEU A 44 17.58 -3.02 -21.43
C LEU A 44 17.61 -2.30 -20.09
N ALA A 45 17.41 -3.03 -19.00
CA ALA A 45 17.43 -2.44 -17.65
C ALA A 45 18.76 -1.72 -17.32
N HIS A 46 19.88 -2.38 -17.63
CA HIS A 46 21.19 -1.74 -17.44
C HIS A 46 21.32 -0.49 -18.34
N THR A 47 20.80 -0.55 -19.56
CA THR A 47 20.84 0.59 -20.47
C THR A 47 20.06 1.79 -19.88
N VAL A 48 18.88 1.53 -19.29
CA VAL A 48 18.04 2.60 -18.74
C VAL A 48 18.67 3.12 -17.44
N ARG A 49 19.23 2.23 -16.64
CA ARG A 49 19.85 2.62 -15.38
C ARG A 49 21.02 3.59 -15.62
N ASP A 50 21.77 3.38 -16.70
CA ASP A 50 22.89 4.25 -17.05
C ASP A 50 22.44 5.73 -17.15
N HIS A 51 21.22 5.96 -17.65
CA HIS A 51 20.62 7.30 -17.71
C HIS A 51 20.21 7.91 -16.38
N LEU A 52 20.03 7.09 -15.35
CA LEU A 52 19.73 7.60 -14.00
C LEU A 52 20.97 8.15 -13.31
N VAL A 53 22.15 7.54 -13.53
CA VAL A 53 23.23 7.66 -12.54
C VAL A 53 23.81 9.08 -12.41
N GLY A 54 23.97 9.76 -13.53
CA GLY A 54 24.48 11.14 -13.54
C GLY A 54 23.56 12.06 -12.76
N ARG A 55 22.26 11.91 -12.99
CA ARG A 55 21.22 12.64 -12.26
C ARG A 55 21.16 12.30 -10.76
N TRP A 56 21.42 11.04 -10.42
CA TRP A 56 21.49 10.57 -9.03
C TRP A 56 22.69 11.18 -8.29
N ILE A 57 23.85 11.14 -8.92
CA ILE A 57 25.06 11.69 -8.35
C ILE A 57 24.87 13.21 -8.18
N ARG A 58 24.31 13.87 -9.19
CA ARG A 58 24.14 15.33 -9.17
C ARG A 58 23.12 15.79 -8.12
N THR A 59 22.02 15.03 -7.98
CA THR A 59 21.01 15.34 -6.95
C THR A 59 21.61 15.25 -5.53
N GLN A 60 22.35 14.18 -5.24
CA GLN A 60 22.89 14.00 -3.87
C GLN A 60 23.93 15.06 -3.53
N GLN A 61 24.73 15.47 -4.51
CA GLN A 61 25.67 16.58 -4.38
C GLN A 61 24.97 17.90 -4.11
N HIS A 62 23.93 18.16 -4.89
CA HIS A 62 23.07 19.34 -4.73
C HIS A 62 22.51 19.44 -3.29
N TYR A 63 22.09 18.32 -2.70
CA TYR A 63 21.63 18.34 -1.30
C TYR A 63 22.80 18.58 -0.32
N TYR A 64 23.96 18.02 -0.59
CA TYR A 64 25.14 18.38 0.23
C TYR A 64 25.46 19.90 0.18
N GLU A 65 25.47 20.49 -1.02
CA GLU A 65 25.84 21.92 -1.20
C GLU A 65 24.79 22.89 -0.68
N LYS A 66 23.52 22.60 -0.91
CA LYS A 66 22.42 23.44 -0.43
C LYS A 66 21.99 23.22 1.04
N ASP A 67 22.25 22.03 1.58
CA ASP A 67 21.90 21.65 2.96
C ASP A 67 20.42 21.91 3.37
N PRO A 68 19.44 21.38 2.59
CA PRO A 68 18.03 21.53 2.96
C PRO A 68 17.65 20.67 4.15
N LYS A 69 16.52 20.98 4.77
CA LYS A 69 15.89 20.07 5.71
C LYS A 69 15.61 18.73 5.00
N ARG A 70 16.03 17.62 5.62
CA ARG A 70 15.86 16.27 5.07
C ARG A 70 14.65 15.56 5.68
N ILE A 71 13.88 14.89 4.83
CA ILE A 71 12.72 14.13 5.23
C ILE A 71 13.07 12.64 5.16
N TYR A 72 12.90 11.96 6.28
CA TYR A 72 13.16 10.52 6.41
C TYR A 72 11.84 9.80 6.63
N TYR A 73 11.43 9.00 5.64
CA TYR A 73 10.18 8.27 5.68
C TYR A 73 10.49 6.83 6.07
N LEU A 74 10.16 6.48 7.32
CA LEU A 74 10.45 5.18 7.90
C LEU A 74 9.26 4.22 7.75
N SER A 75 9.48 3.06 7.13
CA SER A 75 8.41 2.10 6.90
C SER A 75 8.97 0.69 6.88
N LEU A 76 8.22 -0.25 7.43
CA LEU A 76 8.55 -1.68 7.33
C LEU A 76 8.16 -2.26 5.94
N GLU A 77 7.42 -1.48 5.15
CA GLU A 77 6.93 -1.93 3.87
C GLU A 77 7.08 -0.84 2.79
N PHE A 78 7.64 -1.27 1.65
CA PHE A 78 7.64 -0.49 0.41
C PHE A 78 7.17 -1.38 -0.73
N TYR A 79 5.96 -1.18 -1.20
CA TYR A 79 5.40 -2.05 -2.21
C TYR A 79 5.61 -1.40 -3.57
N MET A 80 6.79 -1.63 -4.14
CA MET A 80 7.28 -0.87 -5.30
C MET A 80 6.79 -1.39 -6.64
N GLY A 81 6.53 -2.69 -6.74
CA GLY A 81 6.21 -3.32 -8.05
C GLY A 81 7.41 -3.30 -9.00
N ARG A 82 7.19 -3.22 -10.31
CA ARG A 82 8.29 -3.16 -11.31
C ARG A 82 8.83 -1.73 -11.48
N THR A 83 10.10 -1.63 -11.87
CA THR A 83 10.84 -0.35 -11.95
C THR A 83 11.15 0.13 -13.39
N LEU A 84 11.28 -0.79 -14.34
CA LEU A 84 11.78 -0.45 -15.68
C LEU A 84 10.89 0.57 -16.37
N GLN A 85 9.59 0.28 -16.45
CA GLN A 85 8.68 1.15 -17.21
C GLN A 85 8.53 2.48 -16.49
N ASN A 86 8.39 2.42 -15.16
CA ASN A 86 8.32 3.65 -14.35
C ASN A 86 9.52 4.57 -14.56
N THR A 87 10.70 3.99 -14.64
CA THR A 87 11.92 4.75 -14.88
C THR A 87 11.89 5.41 -16.28
N MET A 88 11.46 4.67 -17.28
CA MET A 88 11.36 5.19 -18.65
C MET A 88 10.39 6.35 -18.67
N VAL A 89 9.25 6.20 -17.97
CA VAL A 89 8.22 7.24 -17.95
C VAL A 89 8.79 8.55 -17.37
N ASN A 90 9.44 8.44 -16.22
CA ASN A 90 9.95 9.59 -15.51
C ASN A 90 11.16 10.25 -16.15
N LEU A 91 11.87 9.54 -17.01
CA LEU A 91 12.96 10.15 -17.77
C LEU A 91 12.59 10.48 -19.20
N ALA A 92 11.33 10.27 -19.57
CA ALA A 92 10.81 10.56 -20.91
C ALA A 92 11.47 9.70 -21.99
N LEU A 93 11.80 8.46 -21.67
CA LEU A 93 12.57 7.58 -22.56
C LEU A 93 11.74 6.47 -23.21
N GLU A 94 10.45 6.37 -22.87
CA GLU A 94 9.67 5.20 -23.29
C GLU A 94 9.60 5.01 -24.82
N ASN A 95 9.30 6.07 -25.56
CA ASN A 95 9.19 5.95 -27.03
C ASN A 95 10.54 5.64 -27.68
N ALA A 96 11.61 6.23 -27.16
CA ALA A 96 12.95 5.95 -27.65
C ALA A 96 13.34 4.49 -27.42
N CYS A 97 13.09 3.98 -26.20
CA CYS A 97 13.44 2.58 -25.89
C CYS A 97 12.60 1.60 -26.70
N ASP A 98 11.35 1.98 -26.96
CA ASP A 98 10.43 1.20 -27.81
C ASP A 98 10.97 1.11 -29.23
N GLU A 99 11.30 2.26 -29.79
CA GLU A 99 11.86 2.29 -31.15
C GLU A 99 13.22 1.56 -31.22
N ALA A 100 14.08 1.76 -30.23
CA ALA A 100 15.37 1.12 -30.19
C ALA A 100 15.22 -0.40 -30.15
N THR A 101 14.39 -0.90 -29.25
CA THR A 101 14.16 -2.34 -29.14
C THR A 101 13.47 -2.93 -30.41
N TYR A 102 12.51 -2.20 -30.97
CA TYR A 102 11.87 -2.57 -32.24
C TYR A 102 12.92 -2.80 -33.35
N GLN A 103 13.87 -1.87 -33.46
CA GLN A 103 14.93 -1.95 -34.44
C GLN A 103 15.93 -3.10 -34.22
N LEU A 104 16.02 -3.62 -33.00
CA LEU A 104 16.83 -4.82 -32.71
C LEU A 104 16.04 -6.14 -32.88
N GLY A 105 14.76 -6.04 -33.28
CA GLY A 105 13.89 -7.20 -33.45
C GLY A 105 13.22 -7.68 -32.18
N LEU A 106 12.96 -6.77 -31.23
CA LEU A 106 12.44 -7.16 -29.91
C LEU A 106 11.18 -6.40 -29.58
N ASP A 107 10.35 -7.02 -28.75
CA ASP A 107 9.11 -6.41 -28.27
C ASP A 107 9.33 -6.02 -26.82
N MET A 108 9.38 -4.71 -26.57
CA MET A 108 9.67 -4.17 -25.27
C MET A 108 8.64 -4.58 -24.21
N GLU A 109 7.38 -4.72 -24.61
CA GLU A 109 6.35 -5.11 -23.63
C GLU A 109 6.54 -6.52 -23.11
N GLU A 110 7.03 -7.39 -24.00
CA GLU A 110 7.38 -8.76 -23.65
C GLU A 110 8.56 -8.81 -22.66
N LEU A 111 9.58 -7.97 -22.90
CA LEU A 111 10.72 -7.83 -21.96
C LEU A 111 10.28 -7.23 -20.61
N GLU A 112 9.35 -6.28 -20.63
CA GLU A 112 8.80 -5.75 -19.37
C GLU A 112 8.20 -6.80 -18.43
N GLU A 113 7.59 -7.84 -19.01
CA GLU A 113 6.91 -8.90 -18.24
C GLU A 113 7.85 -9.85 -17.55
N ILE A 114 9.13 -9.80 -17.90
CA ILE A 114 10.13 -10.64 -17.25
C ILE A 114 10.55 -10.12 -15.87
N GLU A 115 10.43 -8.82 -15.66
CA GLU A 115 10.86 -8.24 -14.39
C GLU A 115 9.98 -8.76 -13.22
N GLU A 116 10.61 -9.10 -12.10
CA GLU A 116 9.87 -9.48 -10.87
C GLU A 116 9.31 -8.22 -10.19
N ASP A 117 8.12 -8.29 -9.60
CA ASP A 117 7.72 -7.22 -8.67
C ASP A 117 8.62 -7.17 -7.46
N ALA A 118 8.97 -5.96 -7.01
CA ALA A 118 9.52 -5.78 -5.69
C ALA A 118 8.31 -5.72 -4.76
N GLY A 119 7.96 -6.87 -4.20
CA GLY A 119 6.74 -7.04 -3.41
C GLY A 119 7.03 -6.95 -1.93
N LEU A 120 7.65 -5.84 -1.52
CA LEU A 120 8.08 -5.65 -0.13
C LEU A 120 7.01 -5.01 0.75
N GLY A 121 5.74 -5.35 0.51
CA GLY A 121 4.63 -4.84 1.30
C GLY A 121 3.43 -5.75 1.12
N ASN A 122 2.42 -5.53 1.95
CA ASN A 122 1.21 -6.36 2.00
C ASN A 122 0.05 -5.78 1.17
N GLY A 123 -0.13 -4.47 1.23
CA GLY A 123 -1.28 -3.87 0.59
C GLY A 123 -1.15 -2.37 0.62
N GLY A 124 -2.21 -1.74 1.10
CA GLY A 124 -2.38 -0.28 1.07
C GLY A 124 -1.29 0.57 1.73
N LEU A 125 -0.89 0.21 2.95
CA LEU A 125 0.18 0.92 3.65
C LEU A 125 1.53 0.90 2.89
N GLY A 126 1.90 -0.27 2.39
CA GLY A 126 3.16 -0.43 1.62
C GLY A 126 3.12 0.30 0.30
N ARG A 127 1.97 0.27 -0.37
CA ARG A 127 1.83 0.98 -1.66
C ARG A 127 1.80 2.48 -1.47
N LEU A 128 1.18 2.97 -0.39
CA LEU A 128 1.20 4.41 -0.12
C LEU A 128 2.61 4.94 0.04
N ALA A 129 3.48 4.14 0.66
CA ALA A 129 4.88 4.51 0.83
C ALA A 129 5.54 4.63 -0.54
N ALA A 130 5.21 3.72 -1.46
CA ALA A 130 5.79 3.78 -2.82
C ALA A 130 5.29 5.00 -3.62
N CYS A 131 4.00 5.27 -3.56
CA CYS A 131 3.43 6.46 -4.20
C CYS A 131 4.05 7.74 -3.63
N PHE A 132 4.19 7.78 -2.33
CA PHE A 132 4.82 8.93 -1.65
C PHE A 132 6.27 9.19 -2.09
N LEU A 133 7.08 8.16 -2.26
CA LEU A 133 8.46 8.38 -2.76
C LEU A 133 8.47 9.04 -4.13
N ASP A 134 7.57 8.59 -5.01
CA ASP A 134 7.46 9.11 -6.36
C ASP A 134 7.08 10.59 -6.29
N SER A 135 6.10 10.92 -5.44
CA SER A 135 5.64 12.30 -5.30
C SER A 135 6.69 13.21 -4.63
N MET A 136 7.42 12.68 -3.65
CA MET A 136 8.47 13.48 -2.99
C MET A 136 9.59 13.88 -3.95
N ALA A 137 9.95 12.96 -4.83
CA ALA A 137 10.97 13.21 -5.86
C ALA A 137 10.46 14.18 -6.91
N THR A 138 9.21 14.01 -7.33
CA THR A 138 8.58 14.90 -8.30
C THR A 138 8.40 16.34 -7.75
N LEU A 139 8.23 16.48 -6.44
CA LEU A 139 8.15 17.78 -5.80
C LEU A 139 9.45 18.34 -5.28
N GLY A 140 10.57 17.71 -5.63
CA GLY A 140 11.90 18.25 -5.36
C GLY A 140 12.28 18.29 -3.90
N LEU A 141 11.71 17.41 -3.09
CA LEU A 141 12.03 17.34 -1.67
C LEU A 141 13.25 16.45 -1.44
N ALA A 142 14.06 16.81 -0.45
CA ALA A 142 15.25 16.05 -0.10
C ALA A 142 14.84 14.89 0.81
N ALA A 143 14.26 13.85 0.21
CA ALA A 143 13.54 12.79 0.94
C ALA A 143 14.22 11.46 0.76
N TYR A 144 14.24 10.66 1.82
CA TYR A 144 14.79 9.29 1.80
C TYR A 144 13.76 8.33 2.33
N GLY A 145 13.53 7.23 1.64
CA GLY A 145 12.74 6.13 2.19
C GLY A 145 13.71 5.13 2.83
N TYR A 146 13.41 4.71 4.04
CA TYR A 146 14.27 3.77 4.78
C TYR A 146 13.43 2.60 5.20
N GLY A 147 13.90 1.41 4.85
CA GLY A 147 13.24 0.17 5.23
C GLY A 147 14.21 -1.02 5.28
N ILE A 148 13.66 -2.21 5.11
CA ILE A 148 14.38 -3.49 5.12
C ILE A 148 14.36 -4.15 3.76
N ARG A 149 15.52 -4.61 3.31
CA ARG A 149 15.65 -5.39 2.10
C ARG A 149 15.30 -6.84 2.42
N TYR A 150 14.02 -7.19 2.35
CA TYR A 150 13.61 -8.55 2.62
C TYR A 150 14.10 -9.40 1.48
N GLU A 151 14.71 -10.54 1.82
CA GLU A 151 15.07 -11.52 0.81
C GLU A 151 13.82 -12.16 0.14
N PHE A 152 12.73 -12.31 0.91
CA PHE A 152 11.49 -12.87 0.40
C PHE A 152 10.38 -11.88 0.70
N GLY A 153 9.70 -11.42 -0.34
CA GLY A 153 8.62 -10.46 -0.20
C GLY A 153 7.31 -11.19 0.10
N ILE A 154 6.20 -10.55 -0.25
CA ILE A 154 4.87 -11.18 -0.06
C ILE A 154 4.81 -12.46 -0.90
N PHE A 155 4.37 -13.55 -0.30
CA PHE A 155 4.27 -14.83 -0.99
C PHE A 155 3.51 -14.77 -2.35
N ASN A 156 3.94 -15.59 -3.30
CA ASN A 156 3.19 -15.86 -4.50
C ASN A 156 2.02 -16.77 -4.15
N GLN A 157 0.83 -16.36 -4.59
CA GLN A 157 -0.39 -17.11 -4.33
C GLN A 157 -0.70 -18.03 -5.50
N LYS A 158 -0.86 -19.32 -5.21
CA LYS A 158 -1.38 -20.31 -6.16
C LYS A 158 -2.71 -20.77 -5.63
N ILE A 159 -3.64 -21.08 -6.51
CA ILE A 159 -4.93 -21.63 -6.13
C ILE A 159 -4.93 -23.09 -6.59
N CYS A 160 -5.02 -24.05 -5.65
CA CYS A 160 -5.07 -25.49 -5.94
C CYS A 160 -6.37 -26.04 -5.39
N GLY A 161 -7.20 -26.59 -6.26
CA GLY A 161 -8.52 -27.09 -5.90
C GLY A 161 -9.36 -26.04 -5.23
N GLY A 162 -9.21 -24.79 -5.69
CA GLY A 162 -9.87 -23.62 -5.10
C GLY A 162 -9.36 -23.08 -3.76
N TRP A 163 -8.28 -23.66 -3.25
CA TRP A 163 -7.69 -23.24 -1.99
C TRP A 163 -6.39 -22.47 -2.26
N GLN A 164 -6.15 -21.42 -1.49
CA GLN A 164 -4.87 -20.69 -1.53
C GLN A 164 -3.73 -21.59 -1.07
N MET A 165 -2.66 -21.60 -1.84
CA MET A 165 -1.39 -22.19 -1.46
C MET A 165 -0.37 -21.06 -1.52
N GLU A 166 0.57 -21.05 -0.57
CA GLU A 166 1.61 -20.02 -0.55
C GLU A 166 2.93 -20.58 -1.09
N GLU A 167 3.61 -19.83 -1.94
CA GLU A 167 5.00 -20.16 -2.20
C GLU A 167 5.93 -18.96 -2.09
N ALA A 168 7.17 -19.24 -1.71
CA ALA A 168 8.18 -18.21 -1.44
C ALA A 168 8.41 -17.31 -2.66
N ASP A 169 8.49 -16.00 -2.41
CA ASP A 169 8.75 -14.99 -3.45
C ASP A 169 10.25 -14.71 -3.48
N ASP A 170 10.95 -15.52 -4.24
CA ASP A 170 12.42 -15.45 -4.29
C ASP A 170 12.78 -14.45 -5.39
N TRP A 171 12.41 -13.18 -5.15
CA TRP A 171 12.47 -12.10 -6.15
C TRP A 171 13.90 -11.67 -6.54
N LEU A 172 14.89 -12.00 -5.72
CA LEU A 172 16.29 -11.68 -5.98
C LEU A 172 17.09 -12.79 -6.69
N ARG A 173 16.46 -13.91 -7.04
CA ARG A 173 17.14 -15.08 -7.61
C ARG A 173 18.00 -14.74 -8.82
N TYR A 174 17.48 -13.94 -9.74
CA TYR A 174 18.21 -13.55 -10.97
C TYR A 174 19.02 -12.26 -10.85
N GLY A 175 19.06 -11.66 -9.65
CA GLY A 175 19.70 -10.36 -9.43
C GLY A 175 18.73 -9.17 -9.57
N ASN A 176 19.14 -8.02 -9.03
CA ASN A 176 18.33 -6.79 -9.05
C ASN A 176 19.23 -5.69 -9.64
N PRO A 177 19.00 -5.29 -10.90
CA PRO A 177 19.92 -4.34 -11.49
C PRO A 177 19.73 -2.89 -11.00
N TRP A 178 18.66 -2.62 -10.25
CA TRP A 178 18.31 -1.27 -9.81
C TRP A 178 19.04 -0.85 -8.53
N GLU A 179 19.41 -1.83 -7.70
CA GLU A 179 20.00 -1.53 -6.40
C GLU A 179 21.50 -1.38 -6.47
N LYS A 180 22.06 -0.62 -5.56
CA LYS A 180 23.51 -0.54 -5.39
C LYS A 180 23.88 -0.83 -3.92
N ALA A 181 24.62 -1.91 -3.70
CA ALA A 181 25.16 -2.27 -2.39
C ALA A 181 26.09 -1.20 -1.93
N ARG A 182 25.97 -0.76 -0.69
CA ARG A 182 26.86 0.26 -0.13
C ARG A 182 27.55 -0.30 1.15
N PRO A 183 28.37 -1.36 0.99
CA PRO A 183 29.00 -2.05 2.16
C PRO A 183 29.85 -1.14 3.06
N GLU A 184 30.34 -0.04 2.52
CA GLU A 184 31.09 0.95 3.29
C GLU A 184 30.31 1.79 4.30
N PHE A 185 28.98 1.81 4.22
CA PHE A 185 28.13 2.46 5.21
C PHE A 185 27.48 1.41 6.16
N THR A 186 28.09 0.24 6.24
CA THR A 186 27.63 -0.81 7.16
C THR A 186 27.76 -0.34 8.60
N LEU A 187 26.74 -0.59 9.40
CA LEU A 187 26.62 -0.11 10.78
C LEU A 187 26.23 -1.23 11.77
N PRO A 188 26.67 -1.13 13.04
CA PRO A 188 26.28 -2.11 14.05
C PRO A 188 24.93 -1.81 14.74
N VAL A 189 24.15 -2.86 14.94
CA VAL A 189 22.87 -2.82 15.64
C VAL A 189 22.98 -3.79 16.82
N HIS A 190 22.52 -3.34 18.01
CA HIS A 190 22.68 -4.12 19.26
C HIS A 190 21.41 -4.74 19.77
N PHE A 191 21.53 -5.92 20.38
CA PHE A 191 20.39 -6.61 21.01
C PHE A 191 20.81 -7.28 22.32
N TYR A 192 19.79 -7.53 23.16
CA TYR A 192 19.94 -8.21 24.46
C TYR A 192 20.79 -7.33 25.41
N GLY A 193 21.75 -7.93 26.10
CA GLY A 193 22.60 -7.22 27.03
C GLY A 193 21.86 -6.83 28.29
N ARG A 194 22.41 -5.89 29.02
CA ARG A 194 21.78 -5.39 30.25
C ARG A 194 22.25 -3.97 30.46
N VAL A 195 21.65 -3.30 31.42
CA VAL A 195 21.97 -1.91 31.71
C VAL A 195 22.76 -1.79 33.00
N GLU A 196 23.89 -1.08 32.94
CA GLU A 196 24.67 -0.70 34.11
C GLU A 196 24.53 0.79 34.35
N HIS A 197 24.26 1.18 35.60
CA HIS A 197 24.26 2.59 35.99
C HIS A 197 25.63 2.95 36.54
N THR A 198 26.11 4.13 36.16
CA THR A 198 27.44 4.59 36.55
C THR A 198 27.33 6.05 37.00
N SER A 199 28.46 6.67 37.35
CA SER A 199 28.54 8.11 37.62
C SER A 199 28.19 8.92 36.38
N GLN A 200 28.65 8.43 35.23
CA GLN A 200 28.35 9.00 33.92
C GLN A 200 27.10 8.33 33.30
N GLY A 201 25.99 8.35 34.02
CA GLY A 201 24.71 7.80 33.53
C GLY A 201 24.67 6.31 33.24
N ALA A 202 23.71 5.93 32.41
CA ALA A 202 23.45 4.53 32.08
C ALA A 202 24.32 4.07 30.91
N LYS A 203 24.63 2.77 30.87
CA LYS A 203 25.39 2.16 29.77
C LYS A 203 24.73 0.83 29.42
N TRP A 204 24.56 0.57 28.12
CA TRP A 204 23.93 -0.67 27.63
C TRP A 204 25.08 -1.61 27.25
N VAL A 205 25.26 -2.71 27.96
CA VAL A 205 26.49 -3.54 27.86
C VAL A 205 26.14 -4.99 27.56
N ASP A 206 27.16 -5.77 27.18
CA ASP A 206 27.07 -7.23 26.92
C ASP A 206 26.05 -7.57 25.86
N THR A 207 26.00 -6.74 24.82
CA THR A 207 25.00 -6.90 23.77
C THR A 207 25.51 -7.89 22.71
N GLN A 208 24.59 -8.47 21.95
CA GLN A 208 24.90 -9.14 20.69
C GLN A 208 24.80 -8.11 19.56
N VAL A 209 25.74 -8.21 18.62
CA VAL A 209 25.83 -7.33 17.47
C VAL A 209 25.34 -8.02 16.17
N VAL A 210 24.51 -7.32 15.42
CA VAL A 210 24.20 -7.65 14.04
C VAL A 210 24.57 -6.41 13.21
N LEU A 211 25.19 -6.65 12.05
CA LEU A 211 25.51 -5.58 11.09
C LEU A 211 24.34 -5.32 10.12
N ALA A 212 24.15 -4.04 9.83
CA ALA A 212 23.15 -3.55 8.90
C ALA A 212 23.90 -3.05 7.66
N MET A 213 23.73 -3.72 6.54
CA MET A 213 24.36 -3.32 5.28
C MET A 213 23.34 -2.65 4.37
N PRO A 214 23.59 -1.39 3.93
CA PRO A 214 22.60 -0.70 3.07
C PRO A 214 22.68 -1.03 1.59
N TYR A 215 21.53 -1.08 0.94
CA TYR A 215 21.41 -1.17 -0.50
C TYR A 215 20.56 0.01 -0.95
N ASP A 216 21.06 0.80 -1.89
CA ASP A 216 20.33 1.99 -2.35
C ASP A 216 19.67 1.76 -3.69
N THR A 217 18.45 2.23 -3.81
CA THR A 217 17.67 2.18 -5.05
C THR A 217 17.34 3.62 -5.45
N PRO A 218 17.51 3.96 -6.75
CA PRO A 218 17.16 5.33 -7.20
C PRO A 218 15.63 5.54 -7.35
N VAL A 219 15.16 6.74 -7.00
CA VAL A 219 13.76 7.08 -7.08
C VAL A 219 13.65 8.36 -7.94
N PRO A 220 13.36 8.19 -9.23
CA PRO A 220 13.39 9.36 -10.12
C PRO A 220 12.10 10.19 -10.04
N GLY A 221 12.22 11.51 -9.99
CA GLY A 221 11.04 12.38 -10.10
C GLY A 221 10.57 12.47 -11.55
N TYR A 222 9.36 12.98 -11.75
CA TYR A 222 8.79 13.10 -13.10
C TYR A 222 9.42 14.24 -13.91
N ARG A 223 10.33 13.87 -14.82
CA ARG A 223 10.88 14.77 -15.84
C ARG A 223 11.50 16.06 -15.27
N ASN A 224 12.05 15.96 -14.07
CA ASN A 224 12.67 17.08 -13.40
C ASN A 224 14.12 16.86 -13.03
N ASN A 225 14.71 15.74 -13.46
CA ASN A 225 16.09 15.40 -13.17
C ASN A 225 16.46 15.25 -11.70
N VAL A 226 15.49 15.06 -10.82
CA VAL A 226 15.77 14.75 -9.42
C VAL A 226 15.76 13.22 -9.31
N VAL A 227 16.76 12.67 -8.64
CA VAL A 227 16.75 11.24 -8.31
C VAL A 227 17.09 11.11 -6.82
N ASN A 228 16.08 10.71 -6.02
CA ASN A 228 16.26 10.53 -4.59
C ASN A 228 16.60 9.06 -4.35
N THR A 229 16.77 8.71 -3.07
CA THR A 229 17.25 7.39 -2.65
C THR A 229 16.27 6.68 -1.73
N MET A 230 16.08 5.40 -1.98
CA MET A 230 15.44 4.49 -1.07
C MET A 230 16.55 3.60 -0.56
N ARG A 231 16.81 3.67 0.75
CA ARG A 231 17.87 2.89 1.38
C ARG A 231 17.29 1.72 2.18
N LEU A 232 17.66 0.50 1.81
CA LEU A 232 17.11 -0.68 2.45
C LEU A 232 18.26 -1.48 3.12
N TRP A 233 18.01 -1.88 4.36
CA TRP A 233 19.02 -2.51 5.20
C TRP A 233 18.90 -4.05 5.10
N SER A 234 20.05 -4.70 5.04
CA SER A 234 20.13 -6.15 5.02
C SER A 234 21.01 -6.57 6.20
N ALA A 235 20.63 -7.67 6.85
CA ALA A 235 21.29 -8.12 8.07
C ALA A 235 22.49 -9.02 7.74
N LYS A 236 23.63 -8.75 8.39
CA LYS A 236 24.83 -9.55 8.25
C LYS A 236 25.44 -9.90 9.66
N ALA A 237 25.98 -11.07 9.79
CA ALA A 237 26.60 -11.47 11.06
C ALA A 237 27.97 -10.83 11.11
N PRO A 238 28.50 -10.47 12.31
CA PRO A 238 29.96 -10.12 12.33
C PRO A 238 30.88 -11.32 12.06
N ASN A 239 32.15 -11.12 11.66
CA ASN A 239 33.05 -12.27 11.27
C ASN A 239 33.57 -13.16 12.41
N ASP A 240 33.48 -12.66 13.63
CA ASP A 240 33.78 -13.48 14.81
C ASP A 240 32.53 -14.14 15.44
N PHE A 241 31.35 -13.92 14.84
CA PHE A 241 30.04 -14.46 15.34
C PHE A 241 30.16 -15.94 15.75
N ASN A 242 30.01 -16.17 17.07
CA ASN A 242 30.15 -17.49 17.73
C ASN A 242 31.59 -18.06 17.79
N LEU A 243 32.59 -17.30 17.32
CA LEU A 243 33.97 -17.79 17.14
C LEU A 243 34.99 -17.11 18.08
N GLY A 250 31.08 -27.45 16.80
CA GLY A 250 32.39 -26.82 16.60
C GLY A 250 32.44 -25.69 15.56
N TYR A 251 33.56 -25.64 14.83
CA TYR A 251 33.86 -24.58 13.83
C TYR A 251 32.75 -24.55 12.76
N ILE A 252 32.40 -25.71 12.22
CA ILE A 252 31.37 -25.78 11.18
C ILE A 252 30.04 -25.21 11.69
N GLN A 253 29.63 -25.62 12.87
CA GLN A 253 28.32 -25.17 13.40
C GLN A 253 28.30 -23.65 13.63
N ALA A 254 29.43 -23.08 14.09
CA ALA A 254 29.55 -21.62 14.29
C ALA A 254 29.29 -20.83 13.02
N VAL A 255 29.89 -21.29 11.92
CA VAL A 255 29.68 -20.67 10.61
C VAL A 255 28.20 -20.84 10.18
N LEU A 256 27.64 -22.03 10.35
CA LEU A 256 26.21 -22.25 9.93
C LEU A 256 25.23 -21.40 10.76
N ASP A 257 25.56 -21.22 12.03
CA ASP A 257 24.75 -20.41 12.94
C ASP A 257 24.74 -18.90 12.67
N ARG A 258 25.59 -18.43 11.75
CA ARG A 258 25.50 -17.04 11.26
C ARG A 258 24.11 -16.69 10.69
N ASN A 259 23.44 -17.72 10.16
CA ASN A 259 22.08 -17.60 9.64
C ASN A 259 21.07 -17.07 10.64
N LEU A 260 21.26 -17.38 11.91
CA LEU A 260 20.36 -16.89 12.93
C LEU A 260 20.31 -15.36 12.92
N ALA A 261 21.47 -14.70 12.79
CA ALA A 261 21.53 -13.23 12.72
C ALA A 261 20.94 -12.68 11.43
N GLU A 262 21.23 -13.38 10.35
CA GLU A 262 20.83 -12.92 9.01
C GLU A 262 19.34 -13.16 8.75
N ASN A 263 18.71 -14.01 9.57
CA ASN A 263 17.23 -14.17 9.48
C ASN A 263 16.40 -12.94 9.72
N ILE A 264 17.00 -11.91 10.32
CA ILE A 264 16.30 -10.65 10.57
C ILE A 264 15.70 -10.06 9.30
N SER A 265 16.46 -10.10 8.19
CA SER A 265 15.97 -9.50 6.97
C SER A 265 15.48 -10.52 5.94
N ARG A 266 15.16 -11.74 6.39
CA ARG A 266 14.84 -12.82 5.46
C ARG A 266 13.45 -12.69 4.84
N VAL A 267 12.44 -12.31 5.62
CA VAL A 267 11.09 -12.44 5.12
C VAL A 267 10.12 -11.40 5.71
N LEU A 268 9.26 -10.89 4.83
CA LEU A 268 8.17 -9.97 5.17
C LEU A 268 7.09 -10.73 5.92
N TYR A 269 6.70 -10.24 7.11
CA TYR A 269 5.56 -10.81 7.79
C TYR A 269 4.30 -10.52 6.94
N PRO A 270 3.53 -11.56 6.59
CA PRO A 270 2.37 -11.39 5.70
C PRO A 270 1.02 -11.00 6.36
N ASN A 271 1.05 -10.53 7.61
CA ASN A 271 -0.15 -10.09 8.38
C ASN A 271 -0.57 -8.64 8.17
N ASP A 272 -1.61 -8.47 7.36
CA ASP A 272 -2.35 -7.24 7.13
C ASP A 272 -3.36 -7.27 8.35
N ASN A 273 -3.47 -6.19 9.13
CA ASN A 273 -4.49 -6.10 10.23
C ASN A 273 -4.69 -7.31 11.28
N PHE A 274 -3.62 -8.04 11.68
CA PHE A 274 -3.69 -8.90 12.90
C PHE A 274 -2.37 -9.01 13.69
N PHE A 275 -2.20 -8.19 14.74
CA PHE A 275 -0.93 -8.11 15.45
C PHE A 275 -0.58 -9.44 16.18
N GLU A 276 0.63 -9.94 15.90
CA GLU A 276 1.24 -11.04 16.64
C GLU A 276 2.54 -10.53 17.27
N GLY A 277 2.71 -10.75 18.56
CA GLY A 277 3.92 -10.39 19.27
C GLY A 277 5.02 -11.42 19.12
N LYS A 278 5.58 -11.48 17.92
CA LYS A 278 6.67 -12.40 17.62
C LYS A 278 8.01 -11.68 17.75
N GLU A 279 8.97 -12.35 18.40
CA GLU A 279 10.26 -11.76 18.65
C GLU A 279 10.98 -11.37 17.37
N LEU A 280 10.90 -12.21 16.34
CA LEU A 280 11.57 -11.88 15.09
C LEU A 280 11.06 -10.54 14.49
N ARG A 281 9.75 -10.30 14.56
CA ARG A 281 9.18 -9.05 14.05
C ARG A 281 9.68 -7.86 14.87
N LEU A 282 9.80 -8.02 16.19
CA LEU A 282 10.33 -6.95 17.02
C LEU A 282 11.77 -6.64 16.67
N LYS A 283 12.55 -7.69 16.38
CA LYS A 283 13.92 -7.52 15.92
C LYS A 283 14.00 -6.74 14.61
N GLN A 284 13.10 -7.04 13.67
CA GLN A 284 13.03 -6.28 12.41
C GLN A 284 12.75 -4.81 12.64
N GLU A 285 11.81 -4.53 13.54
CA GLU A 285 11.44 -3.15 13.85
C GLU A 285 12.60 -2.36 14.47
N TYR A 286 13.35 -2.96 15.38
CA TYR A 286 14.45 -2.25 15.99
C TYR A 286 15.60 -2.06 14.98
N PHE A 287 15.86 -3.11 14.20
CA PHE A 287 16.93 -3.15 13.24
C PHE A 287 16.83 -1.97 12.29
N VAL A 288 15.66 -1.80 11.74
CA VAL A 288 15.45 -0.73 10.81
C VAL A 288 15.60 0.65 11.47
N VAL A 289 15.07 0.79 12.68
CA VAL A 289 15.15 2.05 13.42
C VAL A 289 16.60 2.39 13.82
N ALA A 290 17.33 1.42 14.35
CA ALA A 290 18.68 1.66 14.89
C ALA A 290 19.67 2.00 13.80
N ALA A 291 19.63 1.24 12.71
CA ALA A 291 20.48 1.53 11.56
C ALA A 291 20.17 2.92 10.95
N THR A 292 18.90 3.17 10.70
CA THR A 292 18.44 4.44 10.10
C THR A 292 18.85 5.68 10.93
N LEU A 293 18.63 5.62 12.24
CA LEU A 293 18.97 6.76 13.12
C LEU A 293 20.43 7.09 13.16
N GLN A 294 21.30 6.07 13.12
CA GLN A 294 22.74 6.33 13.04
C GLN A 294 23.12 7.07 11.75
N ASP A 295 22.51 6.64 10.66
CA ASP A 295 22.71 7.27 9.36
C ASP A 295 22.26 8.72 9.38
N ILE A 296 21.10 8.97 9.98
CA ILE A 296 20.53 10.32 10.12
C ILE A 296 21.48 11.24 10.89
N ILE A 297 21.94 10.76 12.05
CA ILE A 297 22.80 11.56 12.88
C ILE A 297 24.14 11.77 12.19
N ARG A 298 24.65 10.74 11.52
CA ARG A 298 25.90 10.89 10.77
C ARG A 298 25.83 12.04 9.76
N ARG A 299 24.79 11.99 8.92
CA ARG A 299 24.56 12.98 7.87
C ARG A 299 24.34 14.38 8.45
N PHE A 300 23.63 14.46 9.58
CA PHE A 300 23.46 15.72 10.33
C PHE A 300 24.79 16.30 10.87
N LYS A 301 25.69 15.45 11.37
CA LYS A 301 26.98 15.95 11.91
C LYS A 301 27.92 16.50 10.83
N SER A 302 27.76 16.02 9.61
CA SER A 302 28.56 16.47 8.46
C SER A 302 27.98 17.71 7.74
N SER A 303 27.11 18.48 8.40
CA SER A 303 26.62 19.76 7.86
C SER A 303 27.72 20.83 7.94
N ASN A 314 25.74 20.74 17.42
CA ASN A 314 24.77 21.07 18.47
C ASN A 314 23.29 20.76 18.11
N PHE A 315 22.63 20.00 18.98
CA PHE A 315 21.36 19.34 18.63
C PHE A 315 20.13 20.21 18.70
N ASP A 316 20.25 21.46 19.15
CA ASP A 316 19.12 22.41 19.11
C ASP A 316 18.60 22.63 17.68
N ALA A 317 19.48 22.57 16.68
CA ALA A 317 19.09 22.69 15.26
C ALA A 317 18.60 21.37 14.59
N PHE A 318 18.58 20.27 15.33
CA PHE A 318 18.30 18.96 14.75
C PHE A 318 16.91 18.93 14.08
N PRO A 319 15.87 19.45 14.77
CA PRO A 319 14.54 19.49 14.11
C PRO A 319 14.38 20.48 12.93
N ASP A 320 15.29 21.45 12.80
CA ASP A 320 15.34 22.31 11.61
C ASP A 320 15.96 21.59 10.40
N LYS A 321 16.75 20.55 10.62
CA LYS A 321 17.42 19.82 9.54
C LYS A 321 16.89 18.43 9.30
N VAL A 322 16.01 17.94 10.17
CA VAL A 322 15.56 16.55 10.13
C VAL A 322 14.07 16.48 10.45
N ALA A 323 13.32 15.80 9.59
CA ALA A 323 11.97 15.32 9.92
C ALA A 323 11.94 13.78 9.80
N ILE A 324 11.30 13.11 10.75
CA ILE A 324 11.13 11.65 10.72
C ILE A 324 9.63 11.37 10.74
N GLN A 325 9.14 10.71 9.69
CA GLN A 325 7.78 10.31 9.54
C GLN A 325 7.61 8.81 9.79
N LEU A 326 6.78 8.46 10.76
CA LEU A 326 6.59 7.09 11.20
C LEU A 326 5.37 6.54 10.47
N ASN A 327 5.59 5.55 9.61
CA ASN A 327 4.52 4.94 8.85
C ASN A 327 3.85 3.86 9.73
N ASP A 328 2.80 4.28 10.42
CA ASP A 328 2.18 3.54 11.51
C ASP A 328 3.15 3.41 12.70
N THR A 329 2.87 2.49 13.62
CA THR A 329 3.67 2.32 14.85
C THR A 329 4.83 1.37 14.60
N HIS A 330 4.91 0.79 13.41
CA HIS A 330 5.91 -0.27 13.18
C HIS A 330 7.36 0.23 13.47
N PRO A 331 7.65 1.51 13.16
CA PRO A 331 8.98 2.07 13.53
C PRO A 331 8.97 2.99 14.78
N SER A 332 7.98 2.77 15.68
CA SER A 332 7.78 3.60 16.86
C SER A 332 8.95 3.59 17.82
N LEU A 333 9.78 2.55 17.79
CA LEU A 333 10.99 2.53 18.60
C LEU A 333 11.99 3.62 18.24
N ALA A 334 11.81 4.31 17.11
CA ALA A 334 12.57 5.53 16.79
C ALA A 334 12.53 6.56 17.91
N ILE A 335 11.39 6.67 18.59
CA ILE A 335 11.24 7.66 19.70
C ILE A 335 12.18 7.36 20.89
N PRO A 336 12.07 6.16 21.49
CA PRO A 336 13.02 5.89 22.57
C PRO A 336 14.48 5.68 22.10
N GLU A 337 14.70 5.23 20.86
CA GLU A 337 16.07 5.12 20.32
C GLU A 337 16.70 6.52 20.15
N LEU A 338 15.96 7.47 19.61
CA LEU A 338 16.45 8.87 19.56
C LEU A 338 16.78 9.41 20.97
N MET A 339 15.91 9.19 21.95
CA MET A 339 16.20 9.56 23.34
C MET A 339 17.44 8.87 23.89
N ARG A 340 17.58 7.57 23.62
CA ARG A 340 18.79 6.82 24.05
C ARG A 340 20.09 7.42 23.52
N VAL A 341 20.12 7.72 22.22
CA VAL A 341 21.30 8.32 21.61
C VAL A 341 21.59 9.70 22.19
N LEU A 342 20.56 10.54 22.30
CA LEU A 342 20.75 11.91 22.80
C LEU A 342 21.17 11.96 24.27
N VAL A 343 20.54 11.14 25.11
CA VAL A 343 20.82 11.09 26.54
C VAL A 343 22.08 10.28 26.85
N ASP A 344 22.11 9.01 26.43
CA ASP A 344 23.20 8.09 26.84
C ASP A 344 24.53 8.36 26.14
N LEU A 345 24.48 8.68 24.85
CA LEU A 345 25.69 8.84 24.05
C LEU A 345 26.12 10.29 23.87
N GLU A 346 25.18 11.20 23.59
CA GLU A 346 25.52 12.61 23.42
C GLU A 346 25.43 13.43 24.71
N ARG A 347 24.89 12.86 25.77
CA ARG A 347 24.88 13.49 27.12
C ARG A 347 24.02 14.77 27.25
N LEU A 348 22.96 14.87 26.43
CA LEU A 348 21.95 15.91 26.59
C LEU A 348 21.11 15.57 27.81
N ASP A 349 20.65 16.60 28.53
CA ASP A 349 19.72 16.36 29.62
C ASP A 349 18.40 15.91 29.01
N TRP A 350 17.64 15.19 29.81
CA TRP A 350 16.40 14.60 29.40
C TRP A 350 15.46 15.58 28.69
N ASP A 351 15.19 16.71 29.33
CA ASP A 351 14.15 17.65 28.86
C ASP A 351 14.49 18.24 27.48
N LYS A 352 15.75 18.60 27.32
CA LYS A 352 16.27 19.03 26.04
C LYS A 352 16.15 17.94 24.96
N ALA A 353 16.61 16.72 25.25
CA ALA A 353 16.46 15.60 24.31
C ALA A 353 15.00 15.33 23.94
N TRP A 354 14.10 15.41 24.92
CA TRP A 354 12.66 15.21 24.63
C TRP A 354 12.07 16.28 23.70
N GLU A 355 12.47 17.53 23.89
CA GLU A 355 12.02 18.61 23.03
C GLU A 355 12.47 18.38 21.58
N VAL A 356 13.73 18.00 21.42
CA VAL A 356 14.25 17.65 20.08
C VAL A 356 13.49 16.47 19.44
N THR A 357 13.28 15.42 20.23
CA THR A 357 12.60 14.24 19.73
C THR A 357 11.18 14.56 19.24
N VAL A 358 10.41 15.23 20.08
CA VAL A 358 9.01 15.55 19.76
C VAL A 358 8.90 16.40 18.47
N LYS A 359 9.79 17.39 18.37
CA LYS A 359 9.81 18.30 17.22
C LYS A 359 10.28 17.64 15.95
N THR A 360 11.02 16.56 16.08
CA THR A 360 11.51 15.78 14.93
C THR A 360 10.50 14.73 14.39
N CYS A 361 9.79 14.05 15.28
CA CYS A 361 8.93 12.92 14.92
C CYS A 361 7.45 13.29 14.65
N ALA A 362 6.86 12.59 13.69
CA ALA A 362 5.44 12.65 13.40
C ALA A 362 4.93 11.25 13.05
N TYR A 363 3.66 10.98 13.37
CA TYR A 363 3.09 9.64 13.29
C TYR A 363 1.80 9.65 12.44
N THR A 364 1.74 8.71 11.51
CA THR A 364 0.54 8.47 10.70
C THR A 364 -0.09 7.18 11.15
N ASN A 365 -1.37 7.26 11.53
CA ASN A 365 -2.20 6.10 11.85
C ASN A 365 -2.94 5.61 10.63
N HIS A 366 -2.93 4.30 10.42
CA HIS A 366 -3.59 3.65 9.28
C HIS A 366 -4.73 2.66 9.59
N THR A 367 -5.14 2.52 10.84
CA THR A 367 -6.33 1.68 11.13
C THR A 367 -6.88 1.90 12.52
N VAL A 368 -8.19 1.68 12.64
CA VAL A 368 -8.89 1.69 13.89
C VAL A 368 -9.25 0.30 14.39
N LEU A 369 -9.01 -0.78 13.65
CA LEU A 369 -9.36 -2.10 14.18
C LEU A 369 -8.43 -2.45 15.35
N PRO A 370 -9.00 -2.77 16.54
CA PRO A 370 -8.17 -2.93 17.75
C PRO A 370 -7.18 -4.10 17.66
N GLU A 371 -7.52 -5.12 16.89
CA GLU A 371 -6.61 -6.27 16.75
C GLU A 371 -5.35 -6.00 15.93
N ALA A 372 -5.36 -4.90 15.17
CA ALA A 372 -4.21 -4.47 14.38
C ALA A 372 -3.21 -3.58 15.19
N LEU A 373 -3.59 -3.08 16.37
CA LEU A 373 -2.73 -2.23 17.18
C LEU A 373 -1.58 -3.01 17.81
N GLU A 374 -0.37 -2.45 17.75
CA GLU A 374 0.78 -3.09 18.34
C GLU A 374 0.83 -2.84 19.82
N ARG A 375 0.83 -3.93 20.57
CA ARG A 375 0.88 -3.92 22.03
C ARG A 375 1.88 -4.98 22.47
N TRP A 376 3.15 -4.62 22.55
CA TRP A 376 4.20 -5.57 22.81
C TRP A 376 4.25 -5.98 24.28
N PRO A 377 4.39 -7.29 24.55
CA PRO A 377 4.59 -7.69 25.95
C PRO A 377 5.85 -7.09 26.54
N VAL A 378 5.74 -6.62 27.77
CA VAL A 378 6.85 -6.05 28.53
C VAL A 378 8.03 -7.04 28.64
N HIS A 379 7.73 -8.32 28.84
CA HIS A 379 8.80 -9.33 29.05
C HIS A 379 9.67 -9.46 27.79
N LEU A 380 9.07 -9.30 26.61
CA LEU A 380 9.86 -9.30 25.36
C LEU A 380 10.81 -8.10 25.27
N LEU A 381 10.30 -6.91 25.55
CA LEU A 381 11.13 -5.70 25.50
C LEU A 381 12.20 -5.73 26.57
N GLU A 382 11.85 -6.27 27.73
CA GLU A 382 12.81 -6.38 28.82
C GLU A 382 14.04 -7.24 28.46
N THR A 383 13.83 -8.32 27.72
CA THR A 383 14.92 -9.23 27.34
C THR A 383 15.70 -8.68 26.17
N LEU A 384 14.98 -8.20 25.16
CA LEU A 384 15.59 -7.80 23.92
C LEU A 384 16.20 -6.40 23.97
N LEU A 385 15.52 -5.47 24.63
CA LEU A 385 15.81 -4.03 24.56
C LEU A 385 15.66 -3.39 25.92
N PRO A 386 16.46 -3.86 26.88
CA PRO A 386 16.24 -3.43 28.27
C PRO A 386 16.37 -1.91 28.51
N ARG A 387 17.30 -1.26 27.82
CA ARG A 387 17.45 0.18 27.99
C ARG A 387 16.24 0.95 27.42
N HIS A 388 15.71 0.50 26.29
CA HIS A 388 14.54 1.11 25.70
C HIS A 388 13.33 1.01 26.61
N LEU A 389 13.21 -0.13 27.30
CA LEU A 389 12.08 -0.29 28.24
C LEU A 389 12.17 0.71 29.40
N GLN A 390 13.38 0.93 29.92
CA GLN A 390 13.57 1.95 30.96
C GLN A 390 13.19 3.33 30.47
N ILE A 391 13.60 3.67 29.26
CA ILE A 391 13.27 4.97 28.66
C ILE A 391 11.76 5.13 28.48
N ILE A 392 11.08 4.07 28.06
CA ILE A 392 9.62 4.08 27.88
C ILE A 392 8.88 4.30 29.19
N TYR A 393 9.36 3.66 30.26
CA TYR A 393 8.76 3.85 31.59
C TYR A 393 8.90 5.30 32.07
N GLU A 394 10.07 5.89 31.85
CA GLU A 394 10.35 7.28 32.15
C GLU A 394 9.48 8.25 31.31
N ILE A 395 9.35 7.97 30.01
CA ILE A 395 8.44 8.74 29.14
C ILE A 395 7.01 8.71 29.71
N ASN A 396 6.56 7.51 30.08
CA ASN A 396 5.21 7.30 30.60
C ASN A 396 4.93 8.09 31.89
N GLN A 397 5.85 8.00 32.84
CA GLN A 397 5.73 8.69 34.12
C GLN A 397 5.62 10.22 33.94
N ARG A 398 6.48 10.78 33.10
CA ARG A 398 6.44 12.21 32.80
C ARG A 398 5.18 12.62 32.05
N PHE A 399 4.75 11.77 31.12
CA PHE A 399 3.49 11.98 30.38
C PHE A 399 2.25 12.01 31.29
N LEU A 400 2.14 11.03 32.17
CA LEU A 400 1.03 10.94 33.11
C LEU A 400 1.05 12.06 34.14
N ASN A 401 2.23 12.54 34.56
CA ASN A 401 2.30 13.74 35.42
C ASN A 401 1.68 14.94 34.74
N ARG A 402 1.87 15.09 33.44
CA ARG A 402 1.17 16.14 32.70
C ARG A 402 -0.33 15.92 32.64
N VAL A 403 -0.77 14.67 32.42
CA VAL A 403 -2.23 14.36 32.37
C VAL A 403 -2.91 14.68 33.70
N ALA A 404 -2.25 14.27 34.79
CA ALA A 404 -2.75 14.54 36.12
C ALA A 404 -2.87 16.02 36.46
N ALA A 405 -1.97 16.85 35.94
CA ALA A 405 -2.05 18.31 36.18
C ALA A 405 -3.16 18.97 35.37
N ALA A 406 -3.42 18.46 34.18
CA ALA A 406 -4.50 18.97 33.33
C ALA A 406 -5.88 18.49 33.78
N PHE A 407 -5.99 17.25 34.28
CA PHE A 407 -7.28 16.63 34.64
C PHE A 407 -7.20 16.04 36.05
N PRO A 408 -7.09 16.91 37.07
CA PRO A 408 -6.80 16.45 38.41
C PRO A 408 -7.93 15.61 38.95
N GLY A 409 -7.57 14.50 39.59
CA GLY A 409 -8.53 13.55 40.12
C GLY A 409 -9.11 12.57 39.12
N ASP A 410 -8.84 12.74 37.83
CA ASP A 410 -9.41 11.86 36.83
C ASP A 410 -8.56 10.60 36.69
N VAL A 411 -8.72 9.70 37.66
CA VAL A 411 -7.89 8.49 37.76
C VAL A 411 -8.13 7.49 36.66
N ASP A 412 -9.37 7.36 36.20
CA ASP A 412 -9.62 6.49 35.08
C ASP A 412 -8.94 6.99 33.77
N ARG A 413 -8.84 8.32 33.58
CA ARG A 413 -8.14 8.87 32.40
C ARG A 413 -6.67 8.47 32.42
N LEU A 414 -6.06 8.48 33.60
CA LEU A 414 -4.67 8.04 33.79
C LEU A 414 -4.45 6.61 33.32
N ARG A 415 -5.32 5.67 33.72
CA ARG A 415 -5.16 4.30 33.19
C ARG A 415 -5.42 4.19 31.70
N ARG A 416 -6.38 4.96 31.14
CA ARG A 416 -6.67 4.89 29.71
C ARG A 416 -5.53 5.44 28.85
N MET A 417 -4.84 6.47 29.35
CA MET A 417 -3.80 7.13 28.57
C MET A 417 -2.40 6.53 28.76
N SER A 418 -2.23 5.66 29.77
CA SER A 418 -0.93 5.13 30.07
C SER A 418 -0.33 4.42 28.85
N LEU A 419 0.97 4.52 28.69
CA LEU A 419 1.65 3.70 27.68
C LEU A 419 1.72 2.23 28.10
N VAL A 420 1.64 1.99 29.41
CA VAL A 420 1.76 0.66 29.96
C VAL A 420 0.35 0.15 30.25
N GLU A 421 -0.04 -0.92 29.59
CA GLU A 421 -1.33 -1.57 29.83
C GLU A 421 -1.16 -2.67 30.86
N GLU A 422 -1.92 -2.58 31.94
CA GLU A 422 -1.96 -3.58 32.99
C GLU A 422 -2.84 -4.75 32.52
N GLY A 423 -2.61 -5.92 33.08
CA GLY A 423 -3.39 -7.12 32.76
C GLY A 423 -2.69 -8.41 33.17
N ALA A 424 -3.17 -9.51 32.61
CA ALA A 424 -2.52 -10.83 32.78
C ALA A 424 -1.05 -10.77 32.34
N VAL A 425 -0.81 -10.18 31.18
CA VAL A 425 0.53 -9.79 30.75
C VAL A 425 0.55 -8.27 30.54
N LYS A 426 1.54 -7.59 31.14
CA LYS A 426 1.72 -6.18 30.89
C LYS A 426 2.21 -5.98 29.47
N ARG A 427 1.68 -4.95 28.80
CA ARG A 427 2.05 -4.61 27.44
C ARG A 427 2.28 -3.11 27.30
N ILE A 428 3.10 -2.74 26.32
CA ILE A 428 3.29 -1.36 25.91
C ILE A 428 2.40 -1.04 24.71
N ASN A 429 1.55 -0.03 24.84
CA ASN A 429 0.74 0.43 23.73
C ASN A 429 1.57 1.40 22.86
N MET A 430 1.96 0.94 21.66
CA MET A 430 2.87 1.69 20.80
C MET A 430 2.25 2.94 20.19
N ALA A 431 0.95 2.91 19.92
CA ALA A 431 0.20 4.08 19.45
C ALA A 431 0.28 5.20 20.49
N HIS A 432 0.08 4.85 21.77
CA HIS A 432 0.15 5.84 22.82
C HIS A 432 1.57 6.43 22.89
N LEU A 433 2.60 5.59 22.73
CA LEU A 433 3.99 6.08 22.66
C LEU A 433 4.21 7.08 21.51
N CYS A 434 3.68 6.75 20.34
CA CYS A 434 3.80 7.62 19.17
C CYS A 434 3.12 8.98 19.36
N ILE A 435 1.95 9.01 19.99
CA ILE A 435 1.25 10.29 20.24
C ILE A 435 2.02 11.17 21.22
N ALA A 436 2.46 10.58 22.32
CA ALA A 436 3.26 11.27 23.32
C ALA A 436 4.55 11.87 22.73
N GLY A 437 5.21 11.14 21.84
CA GLY A 437 6.52 11.58 21.34
C GLY A 437 6.57 12.25 19.97
N SER A 438 5.41 12.62 19.42
CA SER A 438 5.28 13.23 18.08
C SER A 438 4.61 14.60 18.19
N HIS A 439 5.08 15.56 17.39
CA HIS A 439 4.43 16.88 17.28
C HIS A 439 3.21 16.89 16.37
N ALA A 440 3.02 15.84 15.56
CA ALA A 440 1.82 15.70 14.70
C ALA A 440 1.40 14.26 14.63
N VAL A 441 0.09 14.06 14.62
CA VAL A 441 -0.54 12.78 14.46
C VAL A 441 -1.61 13.00 13.38
N ASN A 442 -1.62 12.16 12.35
CA ASN A 442 -2.60 12.29 11.31
C ASN A 442 -3.26 10.97 10.94
N GLY A 443 -4.55 11.06 10.62
CA GLY A 443 -5.24 10.00 9.91
C GLY A 443 -5.15 10.29 8.41
N VAL A 444 -5.77 9.43 7.64
CA VAL A 444 -5.48 9.25 6.24
C VAL A 444 -6.68 9.51 5.34
N ALA A 445 -7.80 9.95 5.96
CA ALA A 445 -8.95 10.49 5.25
C ALA A 445 -9.77 11.27 6.25
N ARG A 446 -10.58 12.21 5.79
CA ARG A 446 -11.30 13.09 6.72
C ARG A 446 -12.14 12.33 7.75
N ILE A 447 -12.91 11.35 7.32
CA ILE A 447 -13.77 10.64 8.26
C ILE A 447 -12.95 9.86 9.30
N HIS A 448 -11.83 9.29 8.87
CA HIS A 448 -10.92 8.51 9.72
C HIS A 448 -10.29 9.41 10.80
N SER A 449 -9.78 10.57 10.38
CA SER A 449 -9.14 11.53 11.29
C SER A 449 -10.13 12.04 12.31
N GLU A 450 -11.40 12.16 11.89
CA GLU A 450 -12.46 12.59 12.80
C GLU A 450 -12.73 11.51 13.81
N ILE A 451 -12.82 10.28 13.34
CA ILE A 451 -12.99 9.11 14.20
C ILE A 451 -11.86 8.98 15.26
N LEU A 452 -10.61 9.27 14.86
CA LEU A 452 -9.50 9.27 15.82
C LEU A 452 -9.71 10.27 16.97
N LYS A 453 -10.22 11.45 16.65
CA LYS A 453 -10.49 12.51 17.65
C LYS A 453 -11.66 12.24 18.57
N LYS A 454 -12.67 11.52 18.05
CA LYS A 454 -13.93 11.28 18.75
C LYS A 454 -13.94 9.96 19.49
N THR A 455 -13.10 9.00 19.12
CA THR A 455 -13.16 7.66 19.73
C THR A 455 -11.82 7.19 20.26
N ILE A 456 -11.00 6.49 19.46
CA ILE A 456 -9.85 5.80 20.04
C ILE A 456 -8.81 6.70 20.66
N PHE A 457 -8.57 7.91 20.11
CA PHE A 457 -7.62 8.84 20.72
C PHE A 457 -8.25 10.10 21.31
N LYS A 458 -9.53 10.02 21.67
CA LYS A 458 -10.24 11.15 22.24
C LYS A 458 -9.53 11.77 23.45
N ASP A 459 -9.01 10.95 24.34
CA ASP A 459 -8.31 11.48 25.53
C ASP A 459 -7.08 12.31 25.17
N PHE A 460 -6.36 11.88 24.14
CA PHE A 460 -5.15 12.55 23.67
C PHE A 460 -5.47 13.86 22.95
N TYR A 461 -6.50 13.84 22.12
CA TYR A 461 -7.03 15.05 21.49
C TYR A 461 -7.42 16.13 22.53
N GLU A 462 -8.07 15.72 23.61
CA GLU A 462 -8.45 16.65 24.67
C GLU A 462 -7.26 17.27 25.37
N LEU A 463 -6.18 16.49 25.52
CA LEU A 463 -4.95 17.00 26.14
C LEU A 463 -4.14 17.91 25.20
N GLU A 464 -4.05 17.54 23.93
CA GLU A 464 -3.14 18.24 22.98
C GLU A 464 -3.82 18.35 21.61
N PRO A 465 -4.86 19.18 21.53
CA PRO A 465 -5.67 19.24 20.30
C PRO A 465 -4.91 19.62 19.04
N HIS A 466 -3.93 20.51 19.21
CA HIS A 466 -3.04 20.97 18.16
C HIS A 466 -2.25 19.89 17.41
N LYS A 467 -1.98 18.77 18.04
CA LYS A 467 -1.24 17.68 17.37
C LYS A 467 -2.00 16.98 16.25
N PHE A 468 -3.34 16.98 16.32
CA PHE A 468 -4.14 16.13 15.46
C PHE A 468 -4.49 16.76 14.10
N GLN A 469 -4.15 16.07 13.02
CA GLN A 469 -4.40 16.57 11.66
C GLN A 469 -5.02 15.49 10.81
N ASN A 470 -5.50 15.90 9.62
CA ASN A 470 -5.86 14.99 8.54
C ASN A 470 -4.90 15.21 7.36
N LYS A 471 -4.52 14.12 6.71
CA LYS A 471 -3.87 14.19 5.39
C LYS A 471 -4.53 13.10 4.54
N THR A 472 -5.48 13.47 3.71
CA THR A 472 -6.16 12.48 2.88
C THR A 472 -5.16 11.85 1.90
N ASN A 473 -5.20 10.53 1.83
CA ASN A 473 -4.34 9.74 0.94
C ASN A 473 -4.53 10.12 -0.55
N GLY A 474 -3.57 9.67 -1.34
CA GLY A 474 -3.56 9.85 -2.78
C GLY A 474 -2.73 8.76 -3.43
N ILE A 475 -2.71 8.79 -4.76
CA ILE A 475 -1.95 7.84 -5.60
C ILE A 475 -1.17 8.62 -6.64
N THR A 476 -0.06 8.07 -7.12
CA THR A 476 0.70 8.79 -8.12
C THR A 476 0.09 8.63 -9.51
N PRO A 477 -0.15 9.74 -10.22
CA PRO A 477 -0.70 9.60 -11.56
C PRO A 477 0.32 9.15 -12.59
N ARG A 478 1.60 9.03 -12.23
CA ARG A 478 2.56 8.45 -13.15
C ARG A 478 2.30 6.95 -13.30
N ARG A 479 2.52 6.16 -12.24
CA ARG A 479 2.19 4.73 -12.29
C ARG A 479 0.72 4.47 -12.65
N TRP A 480 -0.21 5.20 -12.03
CA TRP A 480 -1.60 4.79 -12.02
C TRP A 480 -2.45 5.45 -13.13
N LEU A 481 -1.81 6.15 -14.07
CA LEU A 481 -2.49 6.58 -15.30
C LEU A 481 -1.58 6.46 -16.52
N VAL A 482 -0.48 7.21 -16.53
CA VAL A 482 0.41 7.27 -17.70
C VAL A 482 1.02 5.91 -18.02
N LEU A 483 1.54 5.25 -16.99
CA LEU A 483 2.17 3.95 -17.15
C LEU A 483 1.15 2.87 -17.52
N CYS A 484 0.09 2.71 -16.73
CA CYS A 484 -0.82 1.57 -16.90
C CYS A 484 -1.92 1.80 -17.93
N ASN A 485 -2.16 3.06 -18.30
CA ASN A 485 -3.27 3.39 -19.19
C ASN A 485 -2.89 4.51 -20.15
N PRO A 486 -1.88 4.24 -21.03
CA PRO A 486 -1.40 5.28 -21.93
C PRO A 486 -2.46 5.78 -22.92
N GLY A 487 -3.36 4.89 -23.34
CA GLY A 487 -4.51 5.23 -24.19
C GLY A 487 -5.41 6.31 -23.61
N LEU A 488 -5.73 6.18 -22.32
CA LEU A 488 -6.49 7.21 -21.63
C LEU A 488 -5.69 8.52 -21.45
N ALA A 489 -4.45 8.39 -21.02
CA ALA A 489 -3.56 9.54 -20.85
C ALA A 489 -3.46 10.37 -22.13
N GLU A 490 -3.41 9.71 -23.29
CA GLU A 490 -3.24 10.35 -24.57
C GLU A 490 -4.47 11.15 -25.04
N ILE A 491 -5.66 10.56 -24.93
CA ILE A 491 -6.88 11.26 -25.35
C ILE A 491 -7.14 12.46 -24.44
N ILE A 492 -6.74 12.37 -23.17
CA ILE A 492 -6.78 13.54 -22.30
C ILE A 492 -5.78 14.58 -22.80
N ALA A 493 -4.54 14.15 -23.01
CA ALA A 493 -3.50 15.06 -23.44
C ALA A 493 -3.82 15.78 -24.77
N GLU A 494 -4.55 15.11 -25.66
CA GLU A 494 -4.96 15.74 -26.93
C GLU A 494 -5.78 17.03 -26.72
N ARG A 495 -6.61 17.05 -25.68
CA ARG A 495 -7.51 18.18 -25.47
C ARG A 495 -6.91 19.19 -24.50
N ILE A 496 -6.24 18.74 -23.43
CA ILE A 496 -5.76 19.68 -22.41
C ILE A 496 -4.26 19.75 -22.22
N GLY A 497 -3.51 19.05 -23.06
CA GLY A 497 -2.05 19.07 -22.97
C GLY A 497 -1.56 18.13 -21.88
N GLU A 498 -0.26 18.20 -21.60
CA GLU A 498 0.48 17.26 -20.75
C GLU A 498 0.72 17.69 -19.32
N GLU A 499 0.45 18.95 -19.01
CA GLU A 499 0.75 19.52 -17.70
C GLU A 499 0.03 18.81 -16.55
N TYR A 500 -1.10 18.17 -16.83
CA TYR A 500 -1.90 17.55 -15.78
C TYR A 500 -1.21 16.38 -15.09
N ILE A 501 -0.19 15.81 -15.74
CA ILE A 501 0.50 14.62 -15.18
C ILE A 501 1.24 14.97 -13.86
N SER A 502 1.64 16.22 -13.69
CA SER A 502 2.25 16.68 -12.44
C SER A 502 1.41 17.76 -11.77
N ASP A 503 0.17 17.91 -12.22
CA ASP A 503 -0.76 18.87 -11.64
C ASP A 503 -2.17 18.36 -11.95
N LEU A 504 -2.59 17.32 -11.24
CA LEU A 504 -3.79 16.56 -11.61
C LEU A 504 -5.13 17.29 -11.52
N ASP A 505 -5.18 18.39 -10.76
CA ASP A 505 -6.37 19.29 -10.75
C ASP A 505 -6.78 19.86 -12.10
N GLN A 506 -5.84 19.90 -13.03
CA GLN A 506 -6.12 20.30 -14.41
C GLN A 506 -7.11 19.38 -15.13
N LEU A 507 -7.30 18.17 -14.61
CA LEU A 507 -8.37 17.29 -15.10
C LEU A 507 -9.78 17.90 -15.03
N ARG A 508 -10.01 18.85 -14.11
CA ARG A 508 -11.28 19.61 -14.08
C ARG A 508 -11.71 20.20 -15.42
N LYS A 509 -10.72 20.61 -16.22
CA LYS A 509 -10.95 21.11 -17.58
C LYS A 509 -11.75 20.15 -18.46
N LEU A 510 -11.65 18.84 -18.18
CA LEU A 510 -12.45 17.85 -18.89
C LEU A 510 -13.96 17.98 -18.77
N LEU A 511 -14.46 18.68 -17.75
CA LEU A 511 -15.91 18.90 -17.60
C LEU A 511 -16.53 19.64 -18.77
N SER A 512 -15.74 20.50 -19.42
CA SER A 512 -16.21 21.17 -20.60
C SER A 512 -16.32 20.25 -21.86
N TYR A 513 -15.95 18.96 -21.74
CA TYR A 513 -16.09 17.97 -22.82
C TYR A 513 -17.16 16.87 -22.56
N VAL A 514 -17.94 17.03 -21.50
CA VAL A 514 -18.93 16.03 -21.09
C VAL A 514 -20.02 15.78 -22.16
N ASP A 515 -20.30 16.79 -22.98
CA ASP A 515 -21.27 16.69 -24.09
C ASP A 515 -20.60 16.67 -25.45
N ASP A 516 -19.29 16.41 -25.48
CA ASP A 516 -18.52 16.38 -26.73
C ASP A 516 -18.60 14.95 -27.27
N GLU A 517 -19.25 14.79 -28.43
CA GLU A 517 -19.50 13.44 -28.96
C GLU A 517 -18.21 12.69 -29.29
N ALA A 518 -17.19 13.41 -29.79
CA ALA A 518 -15.89 12.81 -30.10
C ALA A 518 -15.23 12.32 -28.81
N PHE A 519 -15.15 13.19 -27.81
CA PHE A 519 -14.58 12.78 -26.50
C PHE A 519 -15.30 11.61 -25.85
N ILE A 520 -16.63 11.62 -25.85
CA ILE A 520 -17.43 10.48 -25.33
C ILE A 520 -17.02 9.16 -26.04
N ARG A 521 -17.01 9.15 -27.35
CA ARG A 521 -16.58 8.00 -28.16
C ARG A 521 -15.16 7.51 -27.84
N ASP A 522 -14.22 8.44 -27.70
CA ASP A 522 -12.82 8.10 -27.40
C ASP A 522 -12.66 7.47 -26.03
N VAL A 523 -13.32 8.06 -25.02
CA VAL A 523 -13.28 7.53 -23.66
C VAL A 523 -13.82 6.09 -23.68
N ALA A 524 -14.96 5.86 -24.31
CA ALA A 524 -15.57 4.53 -24.38
C ALA A 524 -14.73 3.53 -25.19
N LYS A 525 -14.11 4.00 -26.27
CA LYS A 525 -13.22 3.15 -27.07
C LYS A 525 -11.97 2.69 -26.29
N VAL A 526 -11.36 3.59 -25.54
CA VAL A 526 -10.21 3.22 -24.70
C VAL A 526 -10.55 2.14 -23.67
N LYS A 527 -11.67 2.30 -22.96
CA LYS A 527 -12.15 1.26 -22.06
C LYS A 527 -12.34 -0.09 -22.79
N GLN A 528 -12.96 -0.06 -23.96
CA GLN A 528 -13.15 -1.29 -24.73
C GLN A 528 -11.84 -1.96 -25.15
N GLU A 529 -10.88 -1.16 -25.60
CA GLU A 529 -9.53 -1.67 -25.91
C GLU A 529 -8.83 -2.26 -24.70
N ASN A 530 -8.97 -1.63 -23.53
CA ASN A 530 -8.36 -2.18 -22.32
C ASN A 530 -9.03 -3.49 -21.91
N LYS A 531 -10.35 -3.57 -22.09
CA LYS A 531 -11.09 -4.79 -21.76
C LYS A 531 -10.70 -5.97 -22.66
N LEU A 532 -10.62 -5.72 -23.97
CA LEU A 532 -10.14 -6.72 -24.93
C LEU A 532 -8.74 -7.26 -24.59
N LYS A 533 -7.80 -6.34 -24.36
CA LYS A 533 -6.45 -6.71 -23.97
C LYS A 533 -6.45 -7.51 -22.66
N PHE A 534 -7.23 -7.11 -21.67
CA PHE A 534 -7.30 -7.88 -20.41
C PHE A 534 -7.93 -9.27 -20.59
N ALA A 535 -8.95 -9.35 -21.43
CA ALA A 535 -9.61 -10.62 -21.72
C ALA A 535 -8.67 -11.59 -22.40
N ALA A 536 -7.77 -11.05 -23.22
CA ALA A 536 -6.78 -11.85 -23.93
C ALA A 536 -5.73 -12.37 -22.96
N TYR A 537 -5.26 -11.49 -22.06
CA TYR A 537 -4.31 -11.86 -21.01
C TYR A 537 -4.84 -12.99 -20.17
N LEU A 538 -6.14 -12.97 -19.89
CA LEU A 538 -6.80 -14.05 -19.17
C LEU A 538 -6.66 -15.38 -19.90
N GLU A 539 -7.05 -15.43 -21.18
CA GLU A 539 -6.94 -16.65 -22.01
C GLU A 539 -5.51 -17.22 -22.07
N ARG A 540 -4.53 -16.35 -22.33
CA ARG A 540 -3.12 -16.76 -22.48
C ARG A 540 -2.51 -17.36 -21.20
N GLU A 541 -2.42 -16.54 -20.15
CA GLU A 541 -1.74 -16.91 -18.91
C GLU A 541 -2.56 -17.82 -18.00
N TYR A 542 -3.89 -17.78 -18.12
CA TYR A 542 -4.77 -18.52 -17.22
C TYR A 542 -5.90 -19.32 -17.87
N LYS A 543 -5.81 -19.59 -19.18
CA LYS A 543 -6.76 -20.50 -19.88
C LYS A 543 -8.27 -20.19 -19.67
N VAL A 544 -8.60 -18.93 -19.40
CA VAL A 544 -9.96 -18.55 -18.99
C VAL A 544 -10.63 -17.64 -20.02
N HIS A 545 -11.93 -17.88 -20.24
CA HIS A 545 -12.66 -17.43 -21.46
C HIS A 545 -13.86 -16.50 -21.19
N ILE A 546 -13.60 -15.19 -21.14
CA ILE A 546 -14.63 -14.19 -20.78
C ILE A 546 -15.20 -13.40 -21.95
N ASN A 547 -16.39 -12.84 -21.72
CA ASN A 547 -17.14 -12.06 -22.69
C ASN A 547 -16.83 -10.56 -22.53
N PRO A 548 -16.02 -9.99 -23.44
CA PRO A 548 -15.59 -8.61 -23.22
C PRO A 548 -16.68 -7.54 -23.46
N ASN A 549 -17.87 -7.93 -23.89
CA ASN A 549 -19.03 -7.03 -23.91
C ASN A 549 -19.76 -6.89 -22.58
N SER A 550 -19.43 -7.74 -21.59
CA SER A 550 -20.08 -7.72 -20.30
C SER A 550 -19.52 -6.59 -19.44
N LEU A 551 -20.27 -6.22 -18.40
CA LEU A 551 -19.80 -5.25 -17.42
C LEU A 551 -18.74 -5.92 -16.54
N PHE A 552 -17.55 -5.30 -16.46
CA PHE A 552 -16.45 -5.84 -15.66
C PHE A 552 -16.57 -5.30 -14.24
N ASP A 553 -16.98 -6.19 -13.33
CA ASP A 553 -17.33 -5.88 -11.95
C ASP A 553 -16.19 -6.41 -11.11
N VAL A 554 -15.38 -5.51 -10.56
CA VAL A 554 -14.13 -5.92 -9.91
C VAL A 554 -13.92 -5.47 -8.46
N GLN A 555 -13.49 -6.42 -7.64
CA GLN A 555 -13.12 -6.20 -6.25
C GLN A 555 -11.75 -6.83 -6.03
N VAL A 556 -10.73 -5.98 -5.99
CA VAL A 556 -9.38 -6.40 -5.77
C VAL A 556 -8.76 -5.62 -4.60
N LYS A 557 -8.21 -6.36 -3.65
CA LYS A 557 -7.70 -5.87 -2.36
C LYS A 557 -7.45 -7.10 -1.49
N ARG A 558 -6.72 -6.96 -0.39
CA ARG A 558 -6.51 -8.11 0.50
C ARG A 558 -7.85 -8.67 1.03
N ILE A 559 -7.88 -9.96 1.31
CA ILE A 559 -9.12 -10.62 1.77
C ILE A 559 -9.25 -10.39 3.29
N HIS A 560 -10.29 -9.68 3.71
CA HIS A 560 -10.54 -9.47 5.14
C HIS A 560 -12.04 -9.37 5.32
N GLU A 561 -12.53 -9.87 6.45
CA GLU A 561 -13.96 -9.73 6.80
C GLU A 561 -14.47 -8.28 6.72
N TYR A 562 -13.70 -7.30 7.18
CA TYR A 562 -14.18 -5.91 7.13
C TYR A 562 -14.38 -5.37 5.71
N LYS A 563 -13.63 -5.92 4.75
CA LYS A 563 -13.76 -5.48 3.34
C LYS A 563 -14.98 -6.09 2.64
N ARG A 564 -15.55 -7.13 3.24
CA ARG A 564 -16.86 -7.70 2.86
C ARG A 564 -16.95 -8.24 1.43
N GLN A 565 -15.89 -8.93 0.99
CA GLN A 565 -15.96 -9.85 -0.15
C GLN A 565 -17.17 -10.76 -0.03
N LEU A 566 -17.52 -11.16 1.19
CA LEU A 566 -18.74 -11.97 1.40
C LEU A 566 -20.04 -11.28 0.95
N LEU A 567 -20.14 -9.96 1.10
CA LEU A 567 -21.31 -9.24 0.62
C LEU A 567 -21.42 -9.34 -0.90
N ASN A 568 -20.30 -9.13 -1.58
CA ASN A 568 -20.19 -9.36 -3.03
C ASN A 568 -20.65 -10.77 -3.38
N CYS A 569 -20.16 -11.80 -2.67
CA CYS A 569 -20.59 -13.18 -2.92
C CYS A 569 -22.09 -13.37 -2.83
N LEU A 570 -22.72 -12.77 -1.83
CA LEU A 570 -24.17 -12.86 -1.69
C LEU A 570 -24.90 -12.25 -2.89
N HIS A 571 -24.37 -11.15 -3.43
CA HIS A 571 -24.97 -10.51 -4.60
C HIS A 571 -24.85 -11.40 -5.84
N VAL A 572 -23.67 -12.00 -6.00
CA VAL A 572 -23.42 -12.90 -7.13
C VAL A 572 -24.40 -14.07 -7.11
N ILE A 573 -24.56 -14.70 -5.95
CA ILE A 573 -25.51 -15.81 -5.80
C ILE A 573 -26.98 -15.36 -6.05
N THR A 574 -27.32 -14.15 -5.60
CA THR A 574 -28.64 -13.54 -5.87
C THR A 574 -28.90 -13.44 -7.39
N LEU A 575 -27.92 -12.93 -8.17
CA LEU A 575 -28.10 -12.83 -9.64
C LEU A 575 -28.24 -14.20 -10.27
N TYR A 576 -27.40 -15.13 -9.84
CA TYR A 576 -27.53 -16.52 -10.29
C TYR A 576 -28.93 -17.09 -10.03
N ASN A 577 -29.45 -16.90 -8.82
CA ASN A 577 -30.78 -17.43 -8.47
C ASN A 577 -31.91 -16.78 -9.23
N ARG A 578 -31.79 -15.47 -9.48
CA ARG A 578 -32.74 -14.74 -10.32
C ARG A 578 -32.72 -15.28 -11.74
N ILE A 579 -31.53 -15.51 -12.29
CA ILE A 579 -31.44 -16.09 -13.64
C ILE A 579 -32.14 -17.47 -13.69
N LYS A 580 -31.82 -18.34 -12.73
CA LYS A 580 -32.43 -19.67 -12.69
C LYS A 580 -33.97 -19.63 -12.55
N LYS A 581 -34.46 -18.63 -11.82
CA LYS A 581 -35.90 -18.48 -11.62
C LYS A 581 -36.60 -18.02 -12.89
N GLU A 582 -35.98 -17.07 -13.62
CA GLU A 582 -36.53 -16.50 -14.88
C GLU A 582 -35.48 -16.50 -16.00
N PRO A 583 -35.19 -17.69 -16.56
CA PRO A 583 -34.00 -17.81 -17.42
C PRO A 583 -34.14 -17.08 -18.76
N ASN A 584 -35.37 -16.88 -19.23
CA ASN A 584 -35.60 -16.21 -20.51
C ASN A 584 -35.80 -14.68 -20.40
N LYS A 585 -35.58 -14.10 -19.22
CA LYS A 585 -35.59 -12.64 -19.03
C LYS A 585 -34.20 -12.04 -19.33
N PHE A 586 -34.17 -10.88 -19.97
CA PHE A 586 -32.90 -10.17 -20.21
C PHE A 586 -32.30 -9.69 -18.88
N VAL A 587 -30.99 -9.85 -18.77
CA VAL A 587 -30.21 -9.26 -17.67
C VAL A 587 -28.92 -8.75 -18.30
N VAL A 588 -28.41 -7.64 -17.79
CA VAL A 588 -27.15 -7.09 -18.25
C VAL A 588 -26.03 -8.07 -17.90
N PRO A 589 -25.30 -8.59 -18.90
CA PRO A 589 -24.23 -9.54 -18.59
C PRO A 589 -23.08 -8.95 -17.75
N ARG A 590 -22.56 -9.75 -16.81
CA ARG A 590 -21.44 -9.35 -15.95
C ARG A 590 -20.34 -10.39 -15.93
N THR A 591 -19.11 -9.88 -15.81
CA THR A 591 -17.94 -10.66 -15.38
C THR A 591 -17.56 -10.08 -14.02
N VAL A 592 -17.79 -10.90 -12.97
CA VAL A 592 -17.47 -10.56 -11.59
C VAL A 592 -16.07 -11.12 -11.32
N MET A 593 -15.16 -10.22 -11.00
CA MET A 593 -13.78 -10.60 -10.71
C MET A 593 -13.46 -10.16 -9.29
N ILE A 594 -12.98 -11.13 -8.50
CA ILE A 594 -12.53 -10.89 -7.14
C ILE A 594 -11.11 -11.46 -7.04
N GLY A 595 -10.22 -10.70 -6.43
CA GLY A 595 -8.86 -11.18 -6.21
C GLY A 595 -8.25 -10.55 -5.00
N GLY A 596 -7.23 -11.22 -4.45
CA GLY A 596 -6.52 -10.73 -3.30
C GLY A 596 -5.94 -11.88 -2.51
N LYS A 597 -4.93 -11.58 -1.71
CA LYS A 597 -4.27 -12.56 -0.85
C LYS A 597 -4.86 -12.57 0.54
N ALA A 598 -4.89 -13.76 1.11
CA ALA A 598 -5.22 -13.94 2.52
C ALA A 598 -3.94 -14.18 3.32
N ALA A 599 -3.89 -13.65 4.53
CA ALA A 599 -2.74 -13.93 5.42
C ALA A 599 -2.72 -15.44 5.76
N PRO A 600 -1.53 -16.10 5.74
CA PRO A 600 -1.54 -17.57 5.87
C PRO A 600 -2.24 -18.17 7.11
N GLY A 601 -2.23 -17.47 8.24
CA GLY A 601 -2.94 -17.99 9.43
C GLY A 601 -4.41 -17.57 9.60
N TYR A 602 -4.97 -16.83 8.62
CA TYR A 602 -6.32 -16.26 8.76
C TYR A 602 -7.31 -17.24 8.09
N HIS A 603 -7.81 -18.16 8.90
CA HIS A 603 -8.71 -19.23 8.47
C HIS A 603 -9.96 -18.75 7.70
N MET A 604 -10.64 -17.75 8.23
CA MET A 604 -11.88 -17.27 7.65
C MET A 604 -11.63 -16.68 6.27
N ALA A 605 -10.53 -15.92 6.11
CA ALA A 605 -10.15 -15.38 4.81
C ALA A 605 -9.85 -16.50 3.81
N LYS A 606 -9.24 -17.58 4.27
CA LYS A 606 -9.02 -18.71 3.37
C LYS A 606 -10.32 -19.40 2.94
N MET A 607 -11.28 -19.49 3.86
CA MET A 607 -12.62 -20.05 3.57
C MET A 607 -13.38 -19.19 2.54
N ILE A 608 -13.18 -17.89 2.59
CA ILE A 608 -13.83 -16.97 1.68
C ILE A 608 -13.30 -17.15 0.26
N ILE A 609 -11.99 -17.34 0.11
CA ILE A 609 -11.42 -17.64 -1.21
C ILE A 609 -12.04 -18.91 -1.75
N LYS A 610 -12.10 -19.94 -0.93
CA LYS A 610 -12.68 -21.20 -1.38
C LYS A 610 -14.15 -21.04 -1.79
N LEU A 611 -14.91 -20.24 -1.05
CA LEU A 611 -16.30 -19.95 -1.42
C LEU A 611 -16.43 -19.29 -2.80
N ILE A 612 -15.56 -18.31 -3.07
CA ILE A 612 -15.58 -17.60 -4.34
C ILE A 612 -15.32 -18.57 -5.49
N THR A 613 -14.32 -19.43 -5.33
CA THR A 613 -13.99 -20.42 -6.38
C THR A 613 -15.11 -21.45 -6.54
N ALA A 614 -15.77 -21.83 -5.44
CA ALA A 614 -16.86 -22.80 -5.48
C ALA A 614 -18.13 -22.24 -6.15
N ILE A 615 -18.40 -20.96 -5.93
CA ILE A 615 -19.47 -20.23 -6.65
C ILE A 615 -19.17 -20.25 -8.17
N GLY A 616 -17.93 -19.89 -8.51
CA GLY A 616 -17.41 -19.97 -9.88
C GLY A 616 -17.61 -21.32 -10.53
N ASP A 617 -17.30 -22.39 -9.82
CA ASP A 617 -17.52 -23.76 -10.32
C ASP A 617 -18.98 -24.08 -10.68
N VAL A 618 -19.94 -23.53 -9.93
CA VAL A 618 -21.34 -23.78 -10.24
C VAL A 618 -21.76 -22.86 -11.38
N VAL A 619 -21.52 -21.56 -11.20
CA VAL A 619 -22.07 -20.54 -12.11
C VAL A 619 -21.50 -20.68 -13.53
N ASN A 620 -20.19 -20.90 -13.61
CA ASN A 620 -19.47 -20.92 -14.90
C ASN A 620 -19.80 -22.14 -15.75
N HIS A 621 -20.40 -23.18 -15.16
CA HIS A 621 -20.70 -24.39 -15.91
C HIS A 621 -22.17 -24.66 -16.08
N ASP A 622 -23.01 -23.68 -15.74
CA ASP A 622 -24.46 -23.81 -15.88
C ASP A 622 -24.87 -23.32 -17.27
N PRO A 623 -25.39 -24.25 -18.12
CA PRO A 623 -25.70 -23.86 -19.50
C PRO A 623 -26.85 -22.84 -19.60
N VAL A 624 -27.75 -22.81 -18.62
CA VAL A 624 -28.84 -21.84 -18.61
C VAL A 624 -28.35 -20.39 -18.42
N VAL A 625 -27.23 -20.22 -17.72
CA VAL A 625 -26.63 -18.91 -17.47
C VAL A 625 -25.92 -18.42 -18.73
N GLY A 626 -25.15 -19.29 -19.35
CA GLY A 626 -24.54 -19.02 -20.66
C GLY A 626 -23.41 -18.05 -20.47
N ASP A 627 -23.32 -17.05 -21.33
CA ASP A 627 -22.36 -15.95 -21.17
C ASP A 627 -22.90 -14.77 -20.35
N ARG A 628 -24.05 -14.91 -19.68
CA ARG A 628 -24.64 -13.81 -18.93
C ARG A 628 -23.98 -13.51 -17.57
N LEU A 629 -23.35 -14.51 -16.96
CA LEU A 629 -22.69 -14.31 -15.65
C LEU A 629 -21.46 -15.20 -15.58
N ARG A 630 -20.33 -14.61 -15.19
CA ARG A 630 -19.08 -15.35 -14.99
C ARG A 630 -18.44 -14.83 -13.73
N VAL A 631 -17.83 -15.73 -12.94
CA VAL A 631 -17.19 -15.36 -11.67
C VAL A 631 -15.78 -15.92 -11.71
N ILE A 632 -14.80 -15.03 -11.57
CA ILE A 632 -13.40 -15.37 -11.72
C ILE A 632 -12.68 -14.94 -10.46
N PHE A 633 -11.87 -15.82 -9.92
CA PHE A 633 -10.93 -15.44 -8.89
C PHE A 633 -9.57 -15.11 -9.55
N LEU A 634 -9.13 -13.87 -9.39
CA LEU A 634 -7.86 -13.44 -9.98
C LEU A 634 -6.74 -13.84 -9.07
N GLU A 635 -5.95 -14.79 -9.52
CA GLU A 635 -4.86 -15.35 -8.75
C GLU A 635 -3.69 -14.38 -8.65
N ASN A 636 -3.04 -14.38 -7.48
CA ASN A 636 -1.79 -13.65 -7.26
C ASN A 636 -1.86 -12.13 -7.49
N TYR A 637 -2.89 -11.50 -6.92
CA TYR A 637 -3.04 -10.05 -7.02
C TYR A 637 -1.85 -9.33 -6.37
N ARG A 638 -1.29 -8.41 -7.14
CA ARG A 638 -0.05 -7.72 -6.82
C ARG A 638 -0.01 -6.46 -7.66
N VAL A 639 1.02 -5.64 -7.49
CA VAL A 639 1.07 -4.33 -8.18
C VAL A 639 1.01 -4.49 -9.71
N SER A 640 1.75 -5.46 -10.25
CA SER A 640 1.77 -5.64 -11.71
C SER A 640 0.41 -6.09 -12.26
N LEU A 641 -0.33 -6.90 -11.49
CA LEU A 641 -1.67 -7.29 -11.91
C LEU A 641 -2.68 -6.15 -11.75
N ALA A 642 -2.55 -5.32 -10.72
CA ALA A 642 -3.34 -4.08 -10.60
C ALA A 642 -3.22 -3.15 -11.82
N GLU A 643 -2.01 -3.02 -12.36
CA GLU A 643 -1.80 -2.18 -13.55
C GLU A 643 -2.52 -2.71 -14.79
N LYS A 644 -2.78 -4.01 -14.83
CA LYS A 644 -3.54 -4.62 -15.94
C LYS A 644 -5.07 -4.56 -15.76
N VAL A 645 -5.55 -4.96 -14.57
CA VAL A 645 -7.00 -5.09 -14.35
C VAL A 645 -7.77 -3.77 -14.10
N ILE A 646 -7.13 -2.82 -13.43
CA ILE A 646 -7.78 -1.56 -13.10
C ILE A 646 -8.17 -0.77 -14.35
N PRO A 647 -7.29 -0.63 -15.35
CA PRO A 647 -7.73 0.05 -16.59
C PRO A 647 -8.88 -0.64 -17.34
N ALA A 648 -9.11 -1.93 -17.06
CA ALA A 648 -10.16 -2.72 -17.70
C ALA A 648 -11.51 -2.74 -16.96
N ALA A 649 -11.57 -2.20 -15.75
CA ALA A 649 -12.76 -2.26 -14.92
C ALA A 649 -13.84 -1.25 -15.33
N ASP A 650 -15.09 -1.67 -15.26
CA ASP A 650 -16.24 -0.78 -15.38
C ASP A 650 -16.78 -0.39 -14.01
N LEU A 651 -16.82 -1.34 -13.08
CA LEU A 651 -17.36 -1.13 -11.73
C LEU A 651 -16.34 -1.49 -10.65
N SER A 652 -16.11 -0.53 -9.77
CA SER A 652 -15.21 -0.65 -8.63
C SER A 652 -15.99 -0.87 -7.33
N GLU A 653 -15.73 -1.99 -6.68
CA GLU A 653 -16.44 -2.40 -5.48
C GLU A 653 -15.64 -1.95 -4.26
N GLN A 654 -16.22 -1.00 -3.50
CA GLN A 654 -15.57 -0.43 -2.31
C GLN A 654 -16.58 -0.44 -1.18
N ILE A 655 -16.74 -1.62 -0.57
CA ILE A 655 -17.97 -1.96 0.17
C ILE A 655 -17.73 -2.37 1.63
N SER A 656 -16.68 -1.81 2.22
CA SER A 656 -16.36 -2.02 3.63
C SER A 656 -17.48 -1.47 4.51
N THR A 657 -17.66 -2.08 5.67
CA THR A 657 -18.62 -1.56 6.65
C THR A 657 -18.20 -0.15 7.08
N ALA A 658 -19.14 0.78 7.08
CA ALA A 658 -18.83 2.17 7.45
C ALA A 658 -18.09 2.21 8.81
N GLY A 659 -16.96 2.93 8.82
CA GLY A 659 -16.10 3.06 9.98
C GLY A 659 -14.86 2.17 10.01
N THR A 660 -14.65 1.30 9.02
CA THR A 660 -13.60 0.27 9.10
C THR A 660 -12.42 0.51 8.13
N GLU A 661 -12.67 1.01 6.91
CA GLU A 661 -11.59 1.28 5.93
C GLU A 661 -11.10 2.69 6.17
N ALA A 662 -9.89 2.85 6.72
CA ALA A 662 -9.40 4.20 7.08
C ALA A 662 -9.45 5.18 5.91
N SER A 663 -8.95 4.76 4.76
CA SER A 663 -8.99 5.56 3.54
C SER A 663 -9.43 4.72 2.34
N GLY A 664 -8.63 3.71 2.04
CA GLY A 664 -8.59 3.03 0.78
C GLY A 664 -7.69 3.82 -0.18
N THR A 665 -6.98 3.11 -1.05
CA THR A 665 -6.37 3.74 -2.25
C THR A 665 -6.70 3.07 -3.57
N GLY A 666 -7.05 1.79 -3.56
CA GLY A 666 -7.59 1.10 -4.75
C GLY A 666 -8.74 1.91 -5.34
N ASN A 667 -9.61 2.41 -4.45
CA ASN A 667 -10.74 3.24 -4.85
C ASN A 667 -10.35 4.38 -5.82
N MET A 668 -9.28 5.08 -5.46
CA MET A 668 -8.79 6.21 -6.24
C MET A 668 -8.23 5.78 -7.58
N LYS A 669 -7.55 4.64 -7.62
CA LYS A 669 -6.97 4.11 -8.87
C LYS A 669 -8.06 3.83 -9.89
N PHE A 670 -9.17 3.25 -9.43
CA PHE A 670 -10.31 2.96 -10.29
C PHE A 670 -10.99 4.22 -10.81
N MET A 671 -11.12 5.23 -9.96
CA MET A 671 -11.73 6.50 -10.37
C MET A 671 -10.95 7.20 -11.47
N LEU A 672 -9.63 7.19 -11.32
CA LEU A 672 -8.75 7.80 -12.31
C LEU A 672 -8.78 7.09 -13.68
N ASN A 673 -9.13 5.80 -13.67
CA ASN A 673 -9.05 4.97 -14.85
C ASN A 673 -10.40 4.65 -15.49
N GLY A 674 -11.46 5.34 -15.08
CA GLY A 674 -12.71 5.34 -15.87
C GLY A 674 -13.68 4.22 -15.48
N ALA A 675 -13.60 3.77 -14.23
CA ALA A 675 -14.62 2.93 -13.64
C ALA A 675 -15.53 3.79 -12.77
N LEU A 676 -16.79 3.38 -12.64
CA LEU A 676 -17.70 3.94 -11.66
C LEU A 676 -17.60 3.11 -10.38
N THR A 677 -18.03 3.70 -9.27
CA THR A 677 -17.81 3.13 -7.96
C THR A 677 -19.13 2.83 -7.30
N ILE A 678 -19.24 1.61 -6.77
CA ILE A 678 -20.31 1.24 -5.87
C ILE A 678 -19.68 1.10 -4.50
N GLY A 679 -20.15 1.87 -3.54
CA GLY A 679 -19.55 1.82 -2.22
C GLY A 679 -20.36 2.41 -1.09
N THR A 680 -19.88 2.14 0.12
CA THR A 680 -20.36 2.76 1.33
C THR A 680 -19.71 4.10 1.56
N MET A 681 -20.31 4.87 2.43
CA MET A 681 -19.74 6.12 2.89
C MET A 681 -18.64 5.84 3.95
N ASP A 682 -17.50 5.37 3.45
CA ASP A 682 -16.40 4.94 4.29
C ASP A 682 -15.07 5.45 3.72
N GLY A 683 -14.11 5.72 4.60
CA GLY A 683 -12.80 6.19 4.17
C GLY A 683 -12.87 7.34 3.17
N ALA A 684 -12.01 7.27 2.15
CA ALA A 684 -11.94 8.31 1.13
C ALA A 684 -13.12 8.30 0.16
N ASN A 685 -13.94 7.24 0.16
CA ASN A 685 -15.15 7.21 -0.68
C ASN A 685 -15.99 8.47 -0.46
N VAL A 686 -16.07 8.88 0.81
CA VAL A 686 -16.81 10.08 1.20
C VAL A 686 -16.34 11.33 0.42
N GLU A 687 -15.04 11.53 0.39
CA GLU A 687 -14.45 12.65 -0.30
C GLU A 687 -14.49 12.50 -1.81
N MET A 688 -14.40 11.27 -2.31
CA MET A 688 -14.55 11.03 -3.76
C MET A 688 -15.95 11.43 -4.25
N ALA A 689 -17.00 10.99 -3.53
CA ALA A 689 -18.38 11.34 -3.83
C ALA A 689 -18.63 12.85 -3.75
N GLU A 690 -18.04 13.46 -2.72
CA GLU A 690 -18.13 14.89 -2.55
C GLU A 690 -17.49 15.63 -3.73
N GLU A 691 -16.35 15.16 -4.23
CA GLU A 691 -15.71 15.79 -5.38
C GLU A 691 -16.50 15.58 -6.69
N ALA A 692 -16.96 14.36 -6.93
CA ALA A 692 -17.65 14.05 -8.19
C ALA A 692 -19.13 14.46 -8.21
N GLY A 693 -19.73 14.58 -7.02
CA GLY A 693 -21.17 14.71 -6.87
C GLY A 693 -21.74 13.34 -6.54
N GLU A 694 -22.58 13.29 -5.51
CA GLU A 694 -23.23 12.03 -5.10
C GLU A 694 -24.08 11.43 -6.20
N GLU A 695 -24.65 12.27 -7.04
CA GLU A 695 -25.39 11.80 -8.21
C GLU A 695 -24.51 11.02 -9.21
N ASN A 696 -23.18 11.16 -9.14
CA ASN A 696 -22.28 10.42 -10.04
C ASN A 696 -21.52 9.27 -9.37
N PHE A 697 -22.05 8.82 -8.25
CA PHE A 697 -21.50 7.75 -7.42
C PHE A 697 -22.63 6.79 -7.05
N PHE A 698 -22.34 5.50 -6.88
CA PHE A 698 -23.37 4.54 -6.48
C PHE A 698 -23.20 4.28 -4.97
N ILE A 699 -23.80 5.14 -4.15
CA ILE A 699 -23.66 5.09 -2.68
C ILE A 699 -24.81 4.29 -2.11
N PHE A 700 -24.51 3.43 -1.14
CA PHE A 700 -25.55 2.64 -0.48
C PHE A 700 -25.11 2.33 0.97
N GLY A 701 -26.07 1.87 1.75
CA GLY A 701 -25.79 1.25 3.03
C GLY A 701 -25.73 2.16 4.24
N MET A 702 -25.53 1.54 5.38
CA MET A 702 -25.39 2.25 6.65
C MET A 702 -24.26 3.28 6.59
N ARG A 703 -24.50 4.46 7.14
CA ARG A 703 -23.44 5.40 7.48
C ARG A 703 -22.92 5.01 8.86
N VAL A 704 -21.82 5.65 9.28
CA VAL A 704 -21.16 5.36 10.58
C VAL A 704 -22.16 5.44 11.73
N GLU A 705 -23.04 6.43 11.68
CA GLU A 705 -24.02 6.68 12.74
C GLU A 705 -25.07 5.56 12.80
N ASP A 706 -25.39 4.96 11.66
CA ASP A 706 -26.33 3.84 11.59
C ASP A 706 -25.70 2.58 12.19
N VAL A 707 -24.41 2.37 11.95
CA VAL A 707 -23.68 1.27 12.55
C VAL A 707 -23.67 1.43 14.08
N ASP A 708 -23.33 2.62 14.56
CA ASP A 708 -23.42 2.99 16.00
C ASP A 708 -24.79 2.71 16.60
N ARG A 709 -25.86 3.17 15.96
CA ARG A 709 -27.24 2.90 16.44
C ARG A 709 -27.55 1.40 16.56
N LEU A 710 -27.13 0.61 15.57
CA LEU A 710 -27.32 -0.86 15.60
C LEU A 710 -26.52 -1.51 16.73
N ASP A 711 -25.30 -1.04 16.96
CA ASP A 711 -24.48 -1.57 18.07
C ASP A 711 -25.13 -1.35 19.45
N GLN A 712 -25.67 -0.15 19.66
CA GLN A 712 -26.39 0.17 20.90
C GLN A 712 -27.60 -0.72 21.20
N ARG A 713 -28.36 -1.07 20.17
CA ARG A 713 -29.51 -1.97 20.27
C ARG A 713 -29.08 -3.46 20.28
N GLY A 714 -27.99 -3.78 19.59
CA GLY A 714 -27.51 -5.16 19.44
C GLY A 714 -27.84 -5.68 18.05
N TYR A 715 -26.81 -6.08 17.31
CA TYR A 715 -27.01 -6.66 15.98
C TYR A 715 -27.56 -8.10 16.06
N ASN A 716 -28.71 -8.32 15.44
CA ASN A 716 -29.33 -9.64 15.38
C ASN A 716 -29.53 -10.05 13.92
N ALA A 717 -28.61 -10.87 13.42
CA ALA A 717 -28.61 -11.28 12.01
C ALA A 717 -29.84 -12.11 11.62
N GLN A 718 -30.40 -12.82 12.61
CA GLN A 718 -31.61 -13.63 12.43
C GLN A 718 -32.81 -12.85 11.87
N GLU A 719 -32.96 -11.62 12.34
CA GLU A 719 -34.03 -10.72 11.88
C GLU A 719 -34.03 -10.52 10.33
N TYR A 720 -32.83 -10.35 9.77
CA TYR A 720 -32.66 -10.19 8.32
C TYR A 720 -32.97 -11.47 7.55
N TYR A 721 -32.45 -12.59 8.06
CA TYR A 721 -32.77 -13.93 7.53
C TYR A 721 -34.28 -14.15 7.55
N ASP A 722 -34.94 -13.77 8.63
CA ASP A 722 -36.37 -14.01 8.77
C ASP A 722 -37.23 -13.17 7.81
N ARG A 723 -36.76 -11.98 7.45
CA ARG A 723 -37.53 -11.00 6.67
C ARG A 723 -37.22 -10.93 5.17
N ILE A 724 -36.10 -11.49 4.72
CA ILE A 724 -35.70 -11.36 3.32
C ILE A 724 -35.62 -12.75 2.67
N PRO A 725 -36.68 -13.17 1.93
CA PRO A 725 -36.71 -14.56 1.41
C PRO A 725 -35.51 -14.90 0.51
N GLU A 726 -35.04 -13.94 -0.28
CA GLU A 726 -33.88 -14.15 -1.16
C GLU A 726 -32.58 -14.43 -0.39
N LEU A 727 -32.40 -13.75 0.74
CA LEU A 727 -31.25 -13.98 1.61
C LEU A 727 -31.33 -15.33 2.33
N ARG A 728 -32.54 -15.70 2.74
CA ARG A 728 -32.79 -16.99 3.38
C ARG A 728 -32.50 -18.18 2.42
N GLN A 729 -32.90 -18.05 1.16
CA GLN A 729 -32.58 -19.06 0.15
C GLN A 729 -31.06 -19.25 -0.03
N ILE A 730 -30.30 -18.16 0.01
CA ILE A 730 -28.82 -18.28 -0.16
C ILE A 730 -28.16 -19.01 1.03
N ILE A 731 -28.54 -18.60 2.22
CA ILE A 731 -28.06 -19.24 3.43
C ILE A 731 -28.40 -20.74 3.43
N GLU A 732 -29.57 -21.12 2.96
CA GLU A 732 -29.93 -22.55 2.88
C GLU A 732 -29.14 -23.32 1.79
N GLN A 733 -28.87 -22.68 0.67
CA GLN A 733 -27.97 -23.22 -0.34
C GLN A 733 -26.59 -23.48 0.21
N LEU A 734 -26.06 -22.53 0.98
CA LEU A 734 -24.71 -22.68 1.60
C LEU A 734 -24.64 -23.79 2.63
N SER A 735 -25.67 -23.87 3.46
CA SER A 735 -25.79 -24.87 4.52
C SER A 735 -25.92 -26.27 4.00
N SER A 736 -26.73 -26.46 2.97
CA SER A 736 -27.12 -27.79 2.54
C SER A 736 -26.16 -28.43 1.53
N GLY A 737 -25.11 -27.74 1.15
CA GLY A 737 -24.13 -28.28 0.20
C GLY A 737 -24.34 -27.99 -1.29
N PHE A 738 -25.22 -27.04 -1.62
CA PHE A 738 -25.46 -26.69 -3.02
C PHE A 738 -24.12 -26.32 -3.75
N PHE A 739 -23.24 -25.59 -3.08
CA PHE A 739 -21.94 -25.18 -3.63
C PHE A 739 -20.73 -26.04 -3.20
N SER A 740 -20.98 -27.13 -2.46
CA SER A 740 -19.92 -28.04 -2.02
C SER A 740 -20.52 -29.46 -1.97
N PRO A 741 -20.92 -30.00 -3.14
CA PRO A 741 -21.76 -31.19 -3.19
C PRO A 741 -21.13 -32.44 -2.59
N LYS A 742 -19.81 -32.55 -2.69
CA LYS A 742 -19.06 -33.69 -2.14
C LYS A 742 -18.66 -33.49 -0.68
N GLN A 743 -18.68 -32.25 -0.19
CA GLN A 743 -18.46 -31.93 1.22
C GLN A 743 -19.60 -31.00 1.69
N PRO A 744 -20.79 -31.57 1.97
CA PRO A 744 -21.98 -30.76 2.26
C PRO A 744 -21.83 -29.68 3.32
N ASP A 745 -21.04 -29.95 4.37
CA ASP A 745 -20.82 -28.98 5.47
C ASP A 745 -19.56 -28.07 5.34
N LEU A 746 -18.93 -28.04 4.18
CA LEU A 746 -17.69 -27.27 3.99
C LEU A 746 -17.79 -25.82 4.49
N PHE A 747 -18.93 -25.17 4.26
CA PHE A 747 -19.11 -23.76 4.56
C PHE A 747 -19.83 -23.43 5.86
N LYS A 748 -19.97 -24.39 6.78
CA LYS A 748 -20.73 -24.14 8.01
C LYS A 748 -20.06 -23.09 8.93
N ASP A 749 -18.73 -22.95 8.89
CA ASP A 749 -18.07 -21.87 9.61
C ASP A 749 -18.50 -20.50 9.07
N ILE A 750 -18.71 -20.39 7.76
CA ILE A 750 -19.09 -19.10 7.16
C ILE A 750 -20.52 -18.78 7.55
N VAL A 751 -21.39 -19.77 7.44
CA VAL A 751 -22.80 -19.62 7.85
C VAL A 751 -22.96 -19.24 9.32
N ASN A 752 -22.20 -19.93 10.17
CA ASN A 752 -22.22 -19.70 11.60
C ASN A 752 -21.78 -18.27 11.96
N MET A 753 -20.71 -17.82 11.33
CA MET A 753 -20.22 -16.48 11.57
C MET A 753 -21.29 -15.43 11.13
N LEU A 754 -21.82 -15.56 9.91
CA LEU A 754 -22.85 -14.61 9.42
C LEU A 754 -24.10 -14.54 10.31
N MET A 755 -24.58 -15.69 10.77
CA MET A 755 -25.76 -15.78 11.62
C MET A 755 -25.56 -15.37 13.08
N HIS A 756 -24.38 -15.60 13.63
CA HIS A 756 -24.16 -15.45 15.09
C HIS A 756 -23.04 -14.54 15.54
N HIS A 757 -22.01 -14.31 14.73
CA HIS A 757 -20.80 -13.62 15.19
C HIS A 757 -20.22 -12.65 14.16
N ASP A 758 -21.07 -11.93 13.43
CA ASP A 758 -20.62 -11.04 12.37
C ASP A 758 -20.37 -9.64 12.92
N ARG A 759 -19.10 -9.30 13.10
CA ARG A 759 -18.70 -7.98 13.53
C ARG A 759 -18.96 -6.92 12.47
N PHE A 760 -19.13 -7.33 11.21
CA PHE A 760 -19.19 -6.36 10.10
C PHE A 760 -20.54 -6.28 9.39
N LYS A 761 -21.56 -6.92 9.97
CA LYS A 761 -22.96 -6.63 9.63
C LYS A 761 -23.29 -6.78 8.13
N VAL A 762 -22.88 -7.91 7.55
CA VAL A 762 -23.06 -8.17 6.13
C VAL A 762 -24.54 -8.17 5.75
N PHE A 763 -25.38 -8.84 6.54
CA PHE A 763 -26.81 -8.89 6.20
C PHE A 763 -27.50 -7.51 6.27
N ALA A 764 -27.03 -6.64 7.16
CA ALA A 764 -27.64 -5.33 7.36
C ALA A 764 -27.53 -4.40 6.15
N ASP A 765 -26.53 -4.60 5.29
CA ASP A 765 -26.41 -3.83 4.04
C ASP A 765 -26.86 -4.58 2.77
N TYR A 766 -27.37 -5.79 2.92
CA TYR A 766 -27.66 -6.65 1.77
C TYR A 766 -28.73 -6.08 0.85
N GLU A 767 -29.87 -5.67 1.42
CA GLU A 767 -30.99 -5.17 0.63
C GLU A 767 -30.64 -3.94 -0.18
N GLU A 768 -30.05 -2.94 0.49
CA GLU A 768 -29.63 -1.70 -0.19
C GLU A 768 -28.54 -1.94 -1.24
N TYR A 769 -27.62 -2.88 -0.98
CA TYR A 769 -26.61 -3.24 -1.95
C TYR A 769 -27.21 -3.82 -3.24
N VAL A 770 -28.07 -4.81 -3.09
CA VAL A 770 -28.75 -5.44 -4.23
C VAL A 770 -29.53 -4.42 -5.08
N LYS A 771 -30.29 -3.54 -4.42
CA LYS A 771 -31.04 -2.48 -5.08
C LYS A 771 -30.13 -1.51 -5.79
N CYS A 772 -29.05 -1.09 -5.15
CA CYS A 772 -28.08 -0.21 -5.77
C CYS A 772 -27.43 -0.87 -7.00
N GLN A 773 -27.07 -2.16 -6.88
CA GLN A 773 -26.57 -2.95 -8.04
C GLN A 773 -27.53 -3.03 -9.25
N GLU A 774 -28.85 -3.01 -9.00
CA GLU A 774 -29.86 -2.90 -10.07
C GLU A 774 -29.79 -1.56 -10.79
N ARG A 775 -29.50 -0.47 -10.06
CA ARG A 775 -29.31 0.84 -10.67
C ARG A 775 -28.06 0.93 -11.55
N VAL A 776 -27.01 0.22 -11.15
CA VAL A 776 -25.78 0.15 -11.93
C VAL A 776 -26.07 -0.52 -13.28
N SER A 777 -26.77 -1.65 -13.22
CA SER A 777 -27.16 -2.39 -14.44
C SER A 777 -28.00 -1.54 -15.38
N ALA A 778 -28.95 -0.79 -14.80
CA ALA A 778 -29.82 0.12 -15.56
C ALA A 778 -29.02 1.19 -16.28
N LEU A 779 -28.02 1.77 -15.62
CA LEU A 779 -27.18 2.76 -16.31
C LEU A 779 -26.27 2.16 -17.39
N TYR A 780 -25.81 0.92 -17.17
CA TYR A 780 -24.90 0.29 -18.11
C TYR A 780 -25.56 0.02 -19.47
N LYS A 781 -26.88 -0.17 -19.48
CA LYS A 781 -27.67 -0.30 -20.72
C LYS A 781 -27.69 0.93 -21.61
N ASN A 782 -27.32 2.09 -21.06
CA ASN A 782 -27.29 3.36 -21.77
C ASN A 782 -25.81 3.83 -21.82
N PRO A 783 -25.02 3.28 -22.78
CA PRO A 783 -23.57 3.57 -22.85
C PRO A 783 -23.22 5.04 -22.87
N ARG A 784 -23.99 5.86 -23.58
CA ARG A 784 -23.69 7.31 -23.66
C ARG A 784 -23.75 7.95 -22.27
N GLU A 785 -24.79 7.63 -21.50
CA GLU A 785 -24.92 8.18 -20.15
C GLU A 785 -23.97 7.55 -19.14
N TRP A 786 -23.69 6.27 -19.31
CA TRP A 786 -22.61 5.63 -18.55
C TRP A 786 -21.29 6.41 -18.73
N THR A 787 -20.89 6.58 -19.99
CA THR A 787 -19.63 7.28 -20.30
C THR A 787 -19.64 8.75 -19.83
N ARG A 788 -20.78 9.42 -19.91
CA ARG A 788 -20.85 10.79 -19.39
C ARG A 788 -20.56 10.83 -17.88
N MET A 789 -21.15 9.90 -17.14
CA MET A 789 -20.87 9.81 -15.72
C MET A 789 -19.41 9.49 -15.43
N VAL A 790 -18.83 8.62 -16.23
CA VAL A 790 -17.40 8.31 -16.12
C VAL A 790 -16.57 9.59 -16.27
N ILE A 791 -16.87 10.39 -17.30
CA ILE A 791 -16.11 11.63 -17.55
C ILE A 791 -16.16 12.54 -16.33
N ARG A 792 -17.32 12.62 -15.70
CA ARG A 792 -17.47 13.44 -14.48
C ARG A 792 -16.64 12.93 -13.30
N ASN A 793 -16.40 11.62 -13.24
CA ASN A 793 -15.52 11.02 -12.21
C ASN A 793 -14.04 11.31 -12.52
N ILE A 794 -13.61 11.05 -13.74
CA ILE A 794 -12.22 11.26 -14.12
C ILE A 794 -11.85 12.75 -13.94
N ALA A 795 -12.73 13.62 -14.42
CA ALA A 795 -12.55 15.08 -14.34
C ALA A 795 -12.38 15.63 -12.92
N THR A 796 -12.91 14.93 -11.91
CA THR A 796 -12.88 15.40 -10.51
C THR A 796 -11.94 14.55 -9.63
N SER A 797 -11.12 13.72 -10.25
CA SER A 797 -10.23 12.84 -9.50
C SER A 797 -8.93 13.54 -9.03
N GLY A 798 -8.74 14.81 -9.42
CA GLY A 798 -7.48 15.52 -9.17
C GLY A 798 -7.06 15.67 -7.74
N LYS A 799 -8.03 15.80 -6.81
CA LYS A 799 -7.71 15.88 -5.37
C LYS A 799 -6.87 14.66 -4.88
N PHE A 800 -7.07 13.51 -5.54
CA PHE A 800 -6.51 12.24 -5.07
C PHE A 800 -5.13 11.90 -5.61
N SER A 801 -4.48 12.88 -6.22
CA SER A 801 -3.05 12.81 -6.49
C SER A 801 -2.25 12.83 -5.20
N SER A 802 -1.29 11.90 -5.10
CA SER A 802 -0.35 11.92 -4.00
C SER A 802 0.54 13.15 -4.01
N ASP A 803 0.63 13.88 -5.14
CA ASP A 803 1.35 15.16 -5.15
C ASP A 803 0.65 16.18 -4.25
N ARG A 804 -0.68 16.21 -4.23
CA ARG A 804 -1.43 17.07 -3.31
C ARG A 804 -1.21 16.63 -1.85
N THR A 805 -1.33 15.33 -1.61
CA THR A 805 -1.07 14.78 -0.28
C THR A 805 0.30 15.21 0.28
N ILE A 806 1.35 14.98 -0.52
CA ILE A 806 2.72 15.31 -0.10
C ILE A 806 2.92 16.80 0.12
N ALA A 807 2.31 17.64 -0.71
CA ALA A 807 2.44 19.07 -0.51
C ALA A 807 1.87 19.47 0.85
N GLN A 808 0.82 18.78 1.29
CA GLN A 808 0.20 19.06 2.61
C GLN A 808 1.06 18.60 3.77
N TYR A 809 1.62 17.40 3.68
CA TYR A 809 2.61 16.94 4.67
C TYR A 809 3.77 17.94 4.78
N ALA A 810 4.27 18.38 3.63
CA ALA A 810 5.47 19.22 3.55
C ALA A 810 5.25 20.58 4.24
N ARG A 811 4.12 21.19 3.92
CA ARG A 811 3.73 22.49 4.49
C ARG A 811 3.23 22.42 5.92
N GLU A 812 2.43 21.41 6.25
CA GLU A 812 1.71 21.40 7.54
C GLU A 812 2.39 20.55 8.62
N ILE A 813 3.28 19.64 8.23
CA ILE A 813 3.98 18.82 9.21
C ILE A 813 5.51 19.01 9.18
N TRP A 814 6.13 18.88 8.01
CA TRP A 814 7.59 18.89 7.88
C TRP A 814 8.23 20.25 7.82
N GLY A 815 7.45 21.28 7.49
CA GLY A 815 7.96 22.66 7.42
C GLY A 815 8.91 22.91 6.28
N VAL A 816 8.59 22.37 5.11
CA VAL A 816 9.39 22.55 3.89
C VAL A 816 8.47 22.92 2.72
N GLU A 817 9.00 23.68 1.80
CA GLU A 817 8.27 24.14 0.61
C GLU A 817 8.56 23.19 -0.57
N PRO A 818 7.52 22.63 -1.18
CA PRO A 818 7.73 21.87 -2.44
C PRO A 818 8.29 22.73 -3.58
N SER A 819 8.89 22.07 -4.56
CA SER A 819 9.46 22.72 -5.75
C SER A 819 9.08 21.95 -7.02
N ARG A 820 8.72 22.68 -8.08
CA ARG A 820 8.49 22.08 -9.40
C ARG A 820 9.61 22.37 -10.44
N GLN A 821 10.62 23.16 -10.05
CA GLN A 821 11.76 23.45 -10.93
C GLN A 821 12.65 22.22 -11.21
N ARG A 822 13.13 22.16 -12.45
CA ARG A 822 14.07 21.16 -12.90
C ARG A 822 15.44 21.46 -12.33
N LEU A 823 16.15 20.41 -11.95
CA LEU A 823 17.60 20.47 -11.81
C LEU A 823 18.20 20.42 -13.22
N PRO A 824 19.39 21.02 -13.42
CA PRO A 824 20.05 20.93 -14.74
C PRO A 824 20.36 19.49 -15.13
N ALA A 825 20.15 19.14 -16.40
CA ALA A 825 20.33 17.77 -16.89
C ALA A 825 21.79 17.43 -17.14
N1 PLP B . -2.72 -4.05 -3.14
C2 PLP B . -2.20 -3.62 -4.29
C2A PLP B . -1.35 -4.52 -5.14
C3 PLP B . -2.48 -2.26 -4.73
O3 PLP B . -1.98 -1.80 -5.87
C4 PLP B . -3.32 -1.39 -3.88
C4A PLP B . -3.68 0.00 -4.22
C5 PLP B . -3.81 -1.98 -2.63
C6 PLP B . -3.47 -3.29 -2.34
C5A PLP B . -4.73 -1.21 -1.68
O4P PLP B . -6.09 -1.40 -2.15
P PLP B . -7.34 -1.12 -1.16
O1P PLP B . -8.53 -1.46 -2.05
O2P PLP B . -7.13 -2.03 0.00
O3P PLP B . -7.20 0.36 -0.93
C1 CGG C . -4.00 2.49 3.79
C2 CGG C . -5.47 2.87 3.94
C3 CGG C . -6.35 1.59 4.05
C4 CGG C . -5.72 0.33 4.75
C5 CGG C . -4.19 0.35 5.00
C6 CGG C . -2.75 -1.23 6.13
C7 CGG C . -2.28 -1.90 7.37
C8 CGG C . -1.21 -2.71 7.36
C9 CGG C . -0.69 -3.37 8.59
C10 CGG C . -1.27 -3.29 9.86
C11 CGG C . -0.72 -3.95 10.95
C12 CGG C . 0.45 -4.72 10.81
O1 CGG C . -3.23 4.70 4.43
O2 CGG C . -3.91 1.74 2.59
O3 CGG C . -7.62 2.00 4.59
O4 CGG C . -6.38 -0.15 5.93
O5 CGG C . -3.80 -0.26 6.27
O6 CGG C . -2.27 -1.45 5.02
O7 CGG C . 0.98 -5.35 11.91
O8 CGG C . 2.17 -5.54 9.36
C15 CGG C . -3.53 1.71 4.98
C CGG C . -3.05 3.63 3.68
O CGG C . -2.10 3.60 2.93
C14 CGG C . 0.47 -4.15 8.44
C13 CGG C . 1.04 -4.81 9.55
#